data_3PGX
#
_entry.id   3PGX
#
_cell.length_a   130.030
_cell.length_b   57.920
_cell.length_c   131.740
_cell.angle_alpha   90.000
_cell.angle_beta   91.350
_cell.angle_gamma   90.000
#
_symmetry.space_group_name_H-M   'C 1 2 1'
#
loop_
_entity.id
_entity.type
_entity.pdbx_description
1 polymer 'carveol dehydrogenase'
2 non-polymer NICOTINAMIDE-ADENINE-DINUCLEOTIDE
3 water water
#
_entity_poly.entity_id   1
_entity_poly.type   'polypeptide(L)'
_entity_poly.pdbx_seq_one_letter_code
;GPGSMVAGQAGSLQGRVAFITGAARGQGRSHAVRLAAEGADIIACDICAPVSASVTYAPASPEDLDETARLVEDQGRKAL
TRVLDVRDDAALRELVADGMEQFGRLDVVVANAGVLSWGRVWELTDEQWDTVIGVNLTGTWRTLRATVPAMIEAGNGGSI
VVVSSSAGLKATPGNGHYSASKHGLTALTNTLAIELGEYGIRVNSIHPYSVETPMIEPEAMMEIFARHPSFVHSFPPMPV
QPNGFMTADEVADVVAWLAGDGSGTLTGTQIPVDKGALKY
;
_entity_poly.pdbx_strand_id   A,B,C,D
#
loop_
_chem_comp.id
_chem_comp.type
_chem_comp.name
_chem_comp.formula
NAD non-polymer NICOTINAMIDE-ADENINE-DINUCLEOTIDE 'C21 H27 N7 O14 P2'
#
# COMPACT_ATOMS: atom_id res chain seq x y z
N GLY A 11 9.02 32.77 13.68
CA GLY A 11 8.18 31.69 13.05
C GLY A 11 9.03 30.47 12.71
N SER A 12 8.39 29.33 12.41
CA SER A 12 9.15 28.11 12.03
C SER A 12 10.03 28.25 10.77
N LEU A 13 9.73 29.24 9.93
CA LEU A 13 10.47 29.44 8.69
C LEU A 13 11.15 30.81 8.54
N GLN A 14 11.53 31.40 9.67
CA GLN A 14 12.10 32.73 9.63
C GLN A 14 13.37 32.72 8.81
N GLY A 15 13.43 33.67 7.88
CA GLY A 15 14.59 33.88 7.03
C GLY A 15 14.77 32.85 5.92
N ARG A 16 13.80 31.95 5.77
CA ARG A 16 13.86 30.94 4.74
C ARG A 16 13.15 31.44 3.48
N VAL A 17 13.22 30.65 2.40
CA VAL A 17 12.60 31.03 1.13
C VAL A 17 11.87 29.81 0.56
N ALA A 18 10.65 30.02 0.10
CA ALA A 18 9.85 28.95 -0.54
C ALA A 18 9.47 29.32 -1.95
N PHE A 19 9.44 28.31 -2.83
CA PHE A 19 9.05 28.47 -4.23
C PHE A 19 7.76 27.65 -4.39
N ILE A 20 6.69 28.31 -4.87
CA ILE A 20 5.37 27.65 -4.97
C ILE A 20 4.73 27.83 -6.33
N THR A 21 4.31 26.74 -6.97
CA THR A 21 3.64 26.86 -8.27
C THR A 21 2.12 26.72 -8.10
N GLY A 22 1.38 27.24 -9.07
CA GLY A 22 -0.09 27.29 -9.00
C GLY A 22 -0.56 28.15 -7.82
N ALA A 23 0.20 29.23 -7.54
CA ALA A 23 0.00 30.08 -6.34
C ALA A 23 -1.02 31.25 -6.52
N ALA A 24 -1.65 31.32 -7.68
CA ALA A 24 -2.64 32.40 -7.97
C ALA A 24 -3.87 32.36 -7.08
N ARG A 25 -4.32 31.16 -6.72
CA ARG A 25 -5.55 31.01 -5.96
C ARG A 25 -5.54 29.64 -5.27
N GLY A 26 -6.65 29.33 -4.60
CA GLY A 26 -6.86 27.98 -4.10
C GLY A 26 -5.77 27.54 -3.13
N GLN A 27 -5.37 26.28 -3.22
CA GLN A 27 -4.40 25.73 -2.26
C GLN A 27 -3.06 26.44 -2.36
N GLY A 28 -2.63 26.69 -3.60
CA GLY A 28 -1.36 27.39 -3.86
C GLY A 28 -1.25 28.73 -3.14
N ARG A 29 -2.29 29.56 -3.28
CA ARG A 29 -2.36 30.82 -2.54
C ARG A 29 -2.28 30.56 -1.03
N SER A 30 -3.06 29.60 -0.53
CA SER A 30 -3.04 29.30 0.89
C SER A 30 -1.62 28.96 1.40
N HIS A 31 -0.89 28.15 0.64
CA HIS A 31 0.49 27.80 1.00
C HIS A 31 1.38 29.03 0.98
N ALA A 32 1.23 29.88 -0.03
CA ALA A 32 2.09 31.08 -0.10
C ALA A 32 1.87 31.97 1.11
N VAL A 33 0.61 32.22 1.45
CA VAL A 33 0.28 33.10 2.57
C VAL A 33 0.74 32.50 3.91
N ARG A 34 0.47 31.21 4.08
CA ARG A 34 0.82 30.50 5.33
C ARG A 34 2.34 30.43 5.54
N LEU A 35 3.06 30.03 4.48
CA LEU A 35 4.53 29.97 4.59
C LEU A 35 5.15 31.36 4.86
N ALA A 36 4.59 32.42 4.26
CA ALA A 36 4.92 33.83 4.62
C ALA A 36 4.63 34.12 6.07
N ALA A 37 3.46 33.68 6.53
CA ALA A 37 3.10 33.85 7.97
C ALA A 37 4.11 33.18 8.90
N GLU A 38 4.68 32.06 8.44
CA GLU A 38 5.73 31.36 9.18
C GLU A 38 7.10 32.01 9.07
N GLY A 39 7.21 33.09 8.30
CA GLY A 39 8.50 33.80 8.14
C GLY A 39 9.26 33.69 6.83
N ALA A 40 8.76 32.90 5.88
CA ALA A 40 9.44 32.71 4.60
C ALA A 40 9.11 33.80 3.59
N ASP A 41 10.13 34.27 2.88
CA ASP A 41 9.91 35.03 1.65
C ASP A 41 9.53 34.07 0.53
N ILE A 42 8.81 34.59 -0.47
CA ILE A 42 8.03 33.73 -1.36
C ILE A 42 8.36 34.00 -2.81
N ILE A 43 8.70 32.93 -3.57
CA ILE A 43 8.77 33.00 -5.02
C ILE A 43 7.54 32.23 -5.51
N ALA A 44 6.66 32.89 -6.24
CA ALA A 44 5.39 32.24 -6.59
C ALA A 44 5.06 32.44 -8.06
N CYS A 45 4.53 31.41 -8.71
CA CYS A 45 4.17 31.52 -10.11
C CYS A 45 2.87 30.77 -10.44
N ASP A 46 2.25 31.14 -11.55
CA ASP A 46 0.99 30.52 -11.97
C ASP A 46 0.82 30.89 -13.42
N ILE A 47 0.11 30.07 -14.18
CA ILE A 47 -0.11 30.32 -15.62
C ILE A 47 -1.16 31.45 -15.83
N CYS A 48 -2.00 31.68 -14.84
CA CYS A 48 -2.92 32.84 -14.84
C CYS A 48 -3.71 32.97 -16.14
N ALA A 49 -4.20 31.82 -16.65
CA ALA A 49 -4.88 31.70 -17.95
C ALA A 49 -5.55 30.33 -18.06
N PRO A 50 -6.60 30.21 -18.92
CA PRO A 50 -7.14 28.88 -19.23
C PRO A 50 -6.06 28.05 -19.91
N VAL A 51 -5.96 26.79 -19.51
CA VAL A 51 -4.89 25.94 -19.97
C VAL A 51 -5.31 25.23 -21.24
N SER A 52 -6.59 24.88 -21.32
CA SER A 52 -7.04 24.04 -22.39
C SER A 52 -8.55 24.14 -22.53
N ALA A 53 -9.05 23.99 -23.75
CA ALA A 53 -10.49 23.77 -23.94
C ALA A 53 -11.03 22.59 -23.14
N SER A 54 -10.15 21.63 -22.80
CA SER A 54 -10.56 20.38 -22.11
C SER A 54 -10.70 20.51 -20.58
N VAL A 55 -10.24 21.65 -20.08
CA VAL A 55 -10.29 21.96 -18.66
C VAL A 55 -11.38 23.03 -18.54
N THR A 56 -12.54 22.62 -18.03
CA THR A 56 -13.76 23.40 -18.25
C THR A 56 -14.17 24.34 -17.12
N TYR A 57 -13.57 24.22 -15.94
CA TYR A 57 -13.82 25.17 -14.84
C TYR A 57 -13.12 26.53 -15.03
N ALA A 58 -13.44 27.49 -14.16
CA ALA A 58 -12.92 28.85 -14.30
C ALA A 58 -11.40 28.89 -14.19
N PRO A 59 -10.73 29.66 -15.08
CA PRO A 59 -9.28 29.78 -15.02
C PRO A 59 -8.83 30.78 -13.93
N ALA A 60 -7.60 30.66 -13.45
CA ALA A 60 -6.98 31.71 -12.65
C ALA A 60 -6.64 32.90 -13.56
N SER A 61 -6.53 34.10 -12.95
CA SER A 61 -6.19 35.32 -13.68
C SER A 61 -4.91 35.98 -13.13
N PRO A 62 -4.33 36.95 -13.87
CA PRO A 62 -3.15 37.62 -13.30
C PRO A 62 -3.50 38.41 -12.07
N GLU A 63 -4.72 38.95 -12.02
CA GLU A 63 -5.27 39.62 -10.83
CA GLU A 63 -5.12 39.66 -10.80
C GLU A 63 -5.15 38.71 -9.60
N ASP A 64 -5.51 37.43 -9.78
CA ASP A 64 -5.48 36.46 -8.67
C ASP A 64 -4.05 36.38 -8.14
N LEU A 65 -3.05 36.26 -9.03
CA LEU A 65 -1.66 36.15 -8.57
C LEU A 65 -1.18 37.44 -7.84
N ASP A 66 -1.60 38.60 -8.32
CA ASP A 66 -1.23 39.88 -7.69
C ASP A 66 -1.76 39.95 -6.26
N GLU A 67 -2.93 39.36 -6.07
CA GLU A 67 -3.57 39.34 -4.80
C GLU A 67 -2.83 38.37 -3.85
N THR A 68 -2.39 37.20 -4.35
CA THR A 68 -1.52 36.36 -3.51
C THR A 68 -0.31 37.20 -3.01
N ALA A 69 0.31 37.93 -3.94
CA ALA A 69 1.45 38.77 -3.59
C ALA A 69 1.08 39.81 -2.50
N ARG A 70 -0.12 40.44 -2.59
CA ARG A 70 -0.52 41.42 -1.55
CA ARG A 70 -0.52 41.42 -1.56
C ARG A 70 -0.68 40.69 -0.24
N LEU A 71 -1.24 39.47 -0.28
CA LEU A 71 -1.46 38.73 0.97
C LEU A 71 -0.17 38.29 1.66
N VAL A 72 0.81 37.89 0.85
CA VAL A 72 2.17 37.65 1.34
C VAL A 72 2.78 38.93 1.95
N GLU A 73 2.66 40.05 1.27
CA GLU A 73 3.24 41.31 1.75
C GLU A 73 2.61 41.75 3.06
N ASP A 74 1.31 41.51 3.21
CA ASP A 74 0.58 41.72 4.47
C ASP A 74 1.15 40.98 5.67
N GLN A 75 1.86 39.88 5.42
CA GLN A 75 2.53 39.13 6.47
C GLN A 75 3.90 39.71 6.83
N GLY A 76 4.28 40.78 6.14
CA GLY A 76 5.55 41.45 6.36
C GLY A 76 6.71 40.83 5.62
N ARG A 77 6.37 40.02 4.60
CA ARG A 77 7.36 39.34 3.77
C ARG A 77 7.41 39.91 2.35
N LYS A 78 8.39 39.46 1.58
CA LYS A 78 8.56 39.84 0.20
C LYS A 78 8.02 38.73 -0.71
N ALA A 79 7.44 39.10 -1.85
CA ALA A 79 6.95 38.15 -2.84
C ALA A 79 7.51 38.52 -4.19
N LEU A 80 8.17 37.56 -4.84
CA LEU A 80 8.49 37.66 -6.23
C LEU A 80 7.50 36.78 -6.97
N THR A 81 6.65 37.39 -7.79
CA THR A 81 5.65 36.57 -8.50
C THR A 81 5.86 36.65 -10.00
N ARG A 82 5.42 35.61 -10.72
CA ARG A 82 5.54 35.62 -12.18
C ARG A 82 4.50 34.75 -12.84
N VAL A 83 3.97 35.25 -13.96
CA VAL A 83 3.09 34.48 -14.83
C VAL A 83 3.96 33.55 -15.69
N LEU A 84 3.77 32.24 -15.53
CA LEU A 84 4.45 31.27 -16.37
C LEU A 84 3.73 29.94 -16.35
N ASP A 85 4.06 29.11 -17.34
CA ASP A 85 3.55 27.74 -17.51
C ASP A 85 4.64 26.79 -16.97
N VAL A 86 4.31 25.90 -16.04
CA VAL A 86 5.32 24.94 -15.53
C VAL A 86 5.80 23.96 -16.62
N ARG A 87 5.17 24.01 -17.81
CA ARG A 87 5.62 23.16 -18.92
C ARG A 87 6.74 23.86 -19.72
N ASP A 88 7.02 25.12 -19.35
CA ASP A 88 7.99 26.03 -20.04
C ASP A 88 9.30 26.03 -19.25
N ASP A 89 10.21 25.17 -19.67
CA ASP A 89 11.46 24.98 -18.96
C ASP A 89 12.30 26.25 -18.81
N ALA A 90 12.46 26.99 -19.91
CA ALA A 90 13.18 28.25 -19.88
C ALA A 90 12.59 29.24 -18.86
N ALA A 91 11.26 29.38 -18.86
CA ALA A 91 10.60 30.31 -17.91
C ALA A 91 10.84 29.89 -16.46
N LEU A 92 10.73 28.59 -16.16
CA LEU A 92 11.08 28.10 -14.81
C LEU A 92 12.54 28.39 -14.40
N ARG A 93 13.50 28.07 -15.29
CA ARG A 93 14.92 28.33 -15.00
CA ARG A 93 14.91 28.31 -14.98
C ARG A 93 15.16 29.79 -14.67
N GLU A 94 14.54 30.66 -15.45
CA GLU A 94 14.73 32.09 -15.30
C GLU A 94 14.12 32.58 -14.00
N LEU A 95 12.94 32.09 -13.64
CA LEU A 95 12.35 32.50 -12.35
C LEU A 95 13.21 32.01 -11.16
N VAL A 96 13.65 30.75 -11.20
CA VAL A 96 14.58 30.27 -10.18
C VAL A 96 15.83 31.18 -10.09
N ALA A 97 16.47 31.45 -11.23
CA ALA A 97 17.66 32.35 -11.24
C ALA A 97 17.36 33.74 -10.62
N ASP A 98 16.22 34.32 -11.03
CA ASP A 98 15.82 35.64 -10.49
C ASP A 98 15.57 35.60 -8.99
N GLY A 99 14.95 34.50 -8.55
CA GLY A 99 14.70 34.29 -7.14
C GLY A 99 15.96 34.14 -6.31
N MET A 100 16.92 33.36 -6.82
CA MET A 100 18.19 33.20 -6.14
C MET A 100 18.96 34.54 -6.04
N GLU A 101 18.88 35.36 -7.07
CA GLU A 101 19.50 36.68 -7.07
C GLU A 101 18.86 37.61 -6.04
N GLN A 102 17.53 37.55 -5.97
CA GLN A 102 16.77 38.38 -5.04
C GLN A 102 16.84 37.91 -3.60
N PHE A 103 16.69 36.60 -3.38
CA PHE A 103 16.57 36.08 -2.01
C PHE A 103 17.79 35.28 -1.53
N GLY A 104 18.58 34.78 -2.47
CA GLY A 104 19.87 34.15 -2.16
C GLY A 104 19.92 32.76 -1.57
N ARG A 105 18.76 32.09 -1.42
CA ARG A 105 18.69 30.72 -0.91
C ARG A 105 17.31 30.13 -1.34
N LEU A 106 17.10 28.85 -1.09
CA LEU A 106 15.86 28.17 -1.49
C LEU A 106 15.66 26.97 -0.57
N ASP A 107 14.72 27.10 0.36
CA ASP A 107 14.56 26.11 1.39
C ASP A 107 13.38 25.17 1.20
N VAL A 108 12.30 25.67 0.57
CA VAL A 108 11.06 24.91 0.46
C VAL A 108 10.60 25.01 -0.98
N VAL A 109 10.16 23.87 -1.53
CA VAL A 109 9.49 23.86 -2.85
C VAL A 109 8.12 23.22 -2.67
N VAL A 110 7.09 23.90 -3.15
CA VAL A 110 5.72 23.30 -3.16
C VAL A 110 5.30 23.20 -4.61
N ALA A 111 5.32 21.96 -5.11
CA ALA A 111 4.94 21.68 -6.50
C ALA A 111 3.44 21.37 -6.56
N ASN A 112 2.66 22.42 -6.85
CA ASN A 112 1.20 22.46 -6.57
C ASN A 112 0.37 22.67 -7.85
N ALA A 113 0.94 23.29 -8.89
CA ALA A 113 0.14 23.52 -10.10
C ALA A 113 -0.44 22.21 -10.63
N GLY A 114 -1.72 22.23 -11.02
CA GLY A 114 -2.33 21.04 -11.62
C GLY A 114 -3.63 21.45 -12.29
N VAL A 115 -4.12 20.55 -13.13
CA VAL A 115 -5.42 20.64 -13.77
C VAL A 115 -6.13 19.31 -13.73
N LEU A 116 -7.43 19.38 -13.96
CA LEU A 116 -8.30 18.24 -13.91
C LEU A 116 -9.33 18.27 -15.06
N SER A 117 -9.57 17.11 -15.66
CA SER A 117 -10.68 16.93 -16.61
C SER A 117 -11.22 15.51 -16.46
N TRP A 118 -12.32 15.21 -17.14
CA TRP A 118 -13.09 13.97 -16.90
C TRP A 118 -13.47 13.21 -18.16
N GLY A 119 -13.34 11.88 -18.12
CA GLY A 119 -13.74 11.03 -19.24
C GLY A 119 -13.24 9.62 -18.95
N ARG A 120 -14.01 8.61 -19.36
CA ARG A 120 -13.58 7.20 -19.25
C ARG A 120 -12.33 6.95 -20.07
N VAL A 121 -11.50 5.97 -19.66
CA VAL A 121 -10.15 5.87 -20.23
C VAL A 121 -10.15 5.80 -21.76
N TRP A 122 -11.02 4.95 -22.34
CA TRP A 122 -11.06 4.78 -23.79
C TRP A 122 -11.84 5.91 -24.50
N GLU A 123 -12.42 6.82 -23.74
CA GLU A 123 -13.15 7.95 -24.33
C GLU A 123 -12.38 9.28 -24.22
N LEU A 124 -11.29 9.26 -23.47
CA LEU A 124 -10.47 10.47 -23.31
C LEU A 124 -9.89 10.89 -24.66
N THR A 125 -9.77 12.19 -24.89
CA THR A 125 -9.21 12.69 -26.16
C THR A 125 -7.70 12.93 -25.97
N ASP A 126 -6.95 13.00 -27.06
CA ASP A 126 -5.56 13.42 -27.03
C ASP A 126 -5.31 14.68 -26.16
N GLU A 127 -6.14 15.71 -26.36
CA GLU A 127 -5.99 16.97 -25.67
C GLU A 127 -6.24 16.76 -24.16
N GLN A 128 -7.27 16.02 -23.79
CA GLN A 128 -7.48 15.71 -22.38
C GLN A 128 -6.26 15.04 -21.77
N TRP A 129 -5.80 13.98 -22.42
CA TRP A 129 -4.63 13.17 -21.96
C TRP A 129 -3.37 14.02 -21.83
N ASP A 130 -2.97 14.63 -22.96
CA ASP A 130 -1.70 15.37 -23.05
C ASP A 130 -1.68 16.53 -22.05
N THR A 131 -2.83 17.19 -21.86
CA THR A 131 -2.91 18.36 -20.97
C THR A 131 -2.68 17.97 -19.51
N VAL A 132 -3.35 16.92 -19.06
CA VAL A 132 -3.22 16.48 -17.69
C VAL A 132 -1.82 15.86 -17.42
N ILE A 133 -1.37 14.97 -18.29
CA ILE A 133 -0.05 14.35 -18.10
C ILE A 133 1.02 15.46 -18.18
N GLY A 134 0.83 16.37 -19.15
CA GLY A 134 1.78 17.45 -19.42
C GLY A 134 1.91 18.45 -18.30
N VAL A 135 0.79 18.94 -17.77
CA VAL A 135 0.88 19.90 -16.67
C VAL A 135 1.25 19.13 -15.37
N ASN A 136 0.49 18.07 -15.08
CA ASN A 136 0.61 17.47 -13.74
C ASN A 136 1.88 16.67 -13.52
N LEU A 137 2.26 15.85 -14.51
CA LEU A 137 3.38 14.99 -14.26
C LEU A 137 4.68 15.61 -14.84
N THR A 138 4.72 15.84 -16.16
CA THR A 138 5.88 16.50 -16.78
C THR A 138 6.13 17.87 -16.16
N GLY A 139 5.08 18.68 -15.96
CA GLY A 139 5.27 20.03 -15.36
C GLY A 139 5.87 20.02 -13.96
N THR A 140 5.44 19.07 -13.14
CA THR A 140 6.05 18.85 -11.82
C THR A 140 7.51 18.46 -11.94
N TRP A 141 7.80 17.54 -12.87
CA TRP A 141 9.18 17.09 -13.05
C TRP A 141 10.02 18.32 -13.45
N ARG A 142 9.52 19.13 -14.37
CA ARG A 142 10.32 20.31 -14.80
C ARG A 142 10.56 21.25 -13.63
N THR A 143 9.54 21.36 -12.78
CA THR A 143 9.64 22.23 -11.59
C THR A 143 10.75 21.73 -10.67
N LEU A 144 10.72 20.42 -10.43
CA LEU A 144 11.73 19.79 -9.58
C LEU A 144 13.12 19.90 -10.19
N ARG A 145 13.23 19.61 -11.48
CA ARG A 145 14.55 19.72 -12.15
C ARG A 145 15.11 21.17 -12.08
N ALA A 146 14.23 22.17 -12.21
CA ALA A 146 14.66 23.57 -12.12
C ALA A 146 15.03 24.03 -10.71
N THR A 147 14.39 23.50 -9.68
CA THR A 147 14.63 24.01 -8.31
C THR A 147 15.66 23.23 -7.50
N VAL A 148 15.74 21.92 -7.71
CA VAL A 148 16.63 21.07 -6.93
C VAL A 148 18.10 21.53 -6.98
N PRO A 149 18.63 21.87 -8.16
CA PRO A 149 20.06 22.28 -8.13
C PRO A 149 20.31 23.54 -7.28
N ALA A 150 19.35 24.47 -7.27
CA ALA A 150 19.52 25.69 -6.47
C ALA A 150 19.47 25.40 -4.97
N MET A 151 18.55 24.53 -4.57
CA MET A 151 18.49 24.09 -3.20
C MET A 151 19.75 23.32 -2.79
N ILE A 152 20.30 22.51 -3.68
CA ILE A 152 21.55 21.81 -3.31
C ILE A 152 22.70 22.82 -3.16
N GLU A 153 22.86 23.68 -4.17
CA GLU A 153 23.89 24.72 -4.15
C GLU A 153 23.79 25.64 -2.92
N ALA A 154 22.58 26.01 -2.51
CA ALA A 154 22.44 26.84 -1.30
C ALA A 154 23.03 26.22 -0.04
N GLY A 155 23.03 24.89 0.05
CA GLY A 155 23.72 24.17 1.14
C GLY A 155 23.04 24.16 2.51
N ASN A 156 21.77 24.56 2.56
CA ASN A 156 21.02 24.60 3.80
C ASN A 156 20.10 23.38 4.00
N GLY A 157 20.21 22.39 3.14
CA GLY A 157 19.16 21.36 3.05
C GLY A 157 17.83 21.97 2.62
N GLY A 158 16.73 21.27 2.89
CA GLY A 158 15.44 21.78 2.45
C GLY A 158 14.36 20.73 2.56
N SER A 159 13.18 21.16 2.14
CA SER A 159 11.98 20.33 2.19
C SER A 159 11.15 20.58 0.92
N ILE A 160 10.80 19.51 0.22
CA ILE A 160 10.04 19.62 -1.00
C ILE A 160 8.72 18.90 -0.78
N VAL A 161 7.62 19.55 -1.14
CA VAL A 161 6.29 19.01 -1.01
C VAL A 161 5.70 18.90 -2.40
N VAL A 162 5.39 17.67 -2.79
CA VAL A 162 4.75 17.43 -4.08
C VAL A 162 3.25 17.26 -3.86
N VAL A 163 2.41 18.05 -4.54
CA VAL A 163 0.96 17.88 -4.37
C VAL A 163 0.41 16.85 -5.34
N SER A 164 0.15 15.66 -4.81
CA SER A 164 -0.44 14.60 -5.58
C SER A 164 -1.95 14.74 -5.38
N SER A 165 -2.63 13.66 -4.96
CA SER A 165 -4.08 13.66 -4.78
C SER A 165 -4.42 12.37 -4.04
N SER A 166 -5.62 12.26 -3.44
CA SER A 166 -6.02 10.92 -2.97
C SER A 166 -6.00 9.96 -4.18
N ALA A 167 -6.28 10.52 -5.36
CA ALA A 167 -6.28 9.74 -6.63
C ALA A 167 -4.88 9.28 -7.05
N GLY A 168 -3.87 9.84 -6.42
CA GLY A 168 -2.48 9.39 -6.53
C GLY A 168 -2.11 8.21 -5.65
N LEU A 169 -3.05 7.75 -4.81
CA LEU A 169 -2.88 6.54 -3.99
C LEU A 169 -3.95 5.51 -4.32
N LYS A 170 -5.15 5.97 -4.60
CA LYS A 170 -6.25 5.11 -5.01
C LYS A 170 -6.88 5.69 -6.27
N ALA A 171 -6.60 5.09 -7.42
CA ALA A 171 -7.17 5.57 -8.68
C ALA A 171 -8.71 5.57 -8.69
N THR A 172 -9.28 6.61 -9.35
CA THR A 172 -10.73 6.83 -9.38
C THR A 172 -11.27 6.68 -10.82
N PRO A 173 -12.54 6.24 -10.98
CA PRO A 173 -13.12 6.18 -12.31
C PRO A 173 -13.48 7.57 -12.85
N GLY A 174 -13.49 7.71 -14.17
CA GLY A 174 -13.81 8.96 -14.81
C GLY A 174 -12.63 9.91 -15.02
N ASN A 175 -11.46 9.59 -14.45
CA ASN A 175 -10.25 10.41 -14.59
C ASN A 175 -8.96 9.61 -14.46
N GLY A 176 -8.85 8.56 -15.25
CA GLY A 176 -7.65 7.72 -15.20
C GLY A 176 -6.39 8.46 -15.58
N HIS A 177 -6.51 9.42 -16.50
CA HIS A 177 -5.38 10.26 -16.85
C HIS A 177 -4.90 11.11 -15.63
N TYR A 178 -5.84 11.70 -14.90
CA TYR A 178 -5.51 12.47 -13.69
C TYR A 178 -4.96 11.52 -12.60
N SER A 179 -5.60 10.38 -12.40
CA SER A 179 -5.09 9.37 -11.45
C SER A 179 -3.67 8.90 -11.85
N ALA A 180 -3.45 8.68 -13.16
CA ALA A 180 -2.13 8.27 -13.62
C ALA A 180 -1.10 9.38 -13.33
N SER A 181 -1.44 10.62 -13.64
CA SER A 181 -0.52 11.74 -13.42
C SER A 181 -0.16 11.82 -11.95
N LYS A 182 -1.13 11.55 -11.08
CA LYS A 182 -0.95 11.78 -9.64
C LYS A 182 -0.23 10.59 -9.00
N HIS A 183 -0.44 9.40 -9.53
CA HIS A 183 0.35 8.24 -9.10
C HIS A 183 1.80 8.42 -9.55
N GLY A 184 1.98 9.01 -10.71
CA GLY A 184 3.32 9.30 -11.23
C GLY A 184 4.05 10.23 -10.28
N LEU A 185 3.30 11.17 -9.70
CA LEU A 185 3.85 12.09 -8.67
C LEU A 185 4.25 11.39 -7.39
N THR A 186 3.44 10.45 -6.91
CA THR A 186 3.89 9.59 -5.79
C THR A 186 5.26 8.98 -6.08
N ALA A 187 5.44 8.41 -7.28
CA ALA A 187 6.73 7.81 -7.62
C ALA A 187 7.86 8.81 -7.68
N LEU A 188 7.64 9.99 -8.29
CA LEU A 188 8.70 11.02 -8.30
C LEU A 188 9.14 11.47 -6.92
N THR A 189 8.16 11.64 -6.03
CA THR A 189 8.40 11.98 -4.63
C THR A 189 9.33 10.98 -4.00
N ASN A 190 9.04 9.69 -4.21
CA ASN A 190 9.77 8.64 -3.52
C ASN A 190 11.16 8.41 -4.11
N THR A 191 11.27 8.45 -5.43
CA THR A 191 12.61 8.38 -6.08
C THR A 191 13.44 9.56 -5.59
N LEU A 192 12.86 10.75 -5.67
CA LEU A 192 13.60 11.94 -5.24
C LEU A 192 13.99 11.93 -3.76
N ALA A 193 13.14 11.36 -2.91
CA ALA A 193 13.49 11.25 -1.47
C ALA A 193 14.76 10.43 -1.26
N ILE A 194 14.88 9.31 -2.01
CA ILE A 194 16.09 8.47 -1.95
C ILE A 194 17.30 9.23 -2.51
N GLU A 195 17.13 9.84 -3.69
CA GLU A 195 18.23 10.54 -4.35
C GLU A 195 18.68 11.80 -3.61
N LEU A 196 17.78 12.45 -2.86
CA LEU A 196 18.20 13.68 -2.16
C LEU A 196 18.57 13.50 -0.68
N GLY A 197 18.38 12.29 -0.16
CA GLY A 197 18.75 11.99 1.25
C GLY A 197 20.17 12.45 1.64
N GLU A 198 21.13 12.11 0.79
CA GLU A 198 22.54 12.50 1.01
C GLU A 198 22.79 14.02 1.05
N TYR A 199 21.88 14.81 0.47
CA TYR A 199 21.96 16.29 0.45
C TYR A 199 21.23 16.97 1.61
N GLY A 200 20.61 16.19 2.50
CA GLY A 200 19.80 16.76 3.58
C GLY A 200 18.47 17.42 3.13
N ILE A 201 17.91 16.97 2.02
CA ILE A 201 16.68 17.54 1.52
C ILE A 201 15.62 16.43 1.60
N ARG A 202 14.52 16.74 2.27
CA ARG A 202 13.38 15.83 2.42
C ARG A 202 12.37 16.07 1.34
N VAL A 203 11.69 15.02 0.92
CA VAL A 203 10.71 15.12 -0.15
C VAL A 203 9.52 14.30 0.31
N ASN A 204 8.34 14.94 0.36
CA ASN A 204 7.14 14.22 0.76
C ASN A 204 5.97 14.64 -0.14
N SER A 205 4.91 13.83 -0.18
CA SER A 205 3.77 14.22 -1.02
C SER A 205 2.50 14.30 -0.18
N ILE A 206 1.59 15.20 -0.55
CA ILE A 206 0.30 15.28 0.15
C ILE A 206 -0.74 14.82 -0.82
N HIS A 207 -1.81 14.26 -0.28
CA HIS A 207 -2.85 13.64 -1.07
C HIS A 207 -4.22 14.12 -0.68
N PRO A 208 -4.61 15.31 -1.18
CA PRO A 208 -5.82 15.85 -0.64
C PRO A 208 -7.10 15.28 -1.29
N TYR A 209 -8.24 15.64 -0.72
CA TYR A 209 -9.55 15.18 -1.17
C TYR A 209 -10.57 16.26 -0.80
N SER A 210 -11.46 16.56 -1.74
CA SER A 210 -12.62 17.43 -1.48
C SER A 210 -12.22 18.78 -0.88
N VAL A 211 -11.29 19.47 -1.53
CA VAL A 211 -10.87 20.80 -1.11
C VAL A 211 -11.66 21.79 -1.96
N GLU A 212 -12.23 22.80 -1.29
CA GLU A 212 -13.15 23.72 -1.95
C GLU A 212 -12.35 24.77 -2.75
N THR A 213 -12.13 24.44 -4.02
CA THR A 213 -11.51 25.35 -4.99
C THR A 213 -12.27 25.23 -6.32
N PRO A 214 -12.01 26.13 -7.29
CA PRO A 214 -12.72 26.03 -8.56
C PRO A 214 -12.47 24.75 -9.36
N MET A 215 -11.40 24.00 -9.02
CA MET A 215 -11.12 22.70 -9.70
C MET A 215 -12.26 21.67 -9.60
N ILE A 216 -13.02 21.76 -8.51
CA ILE A 216 -14.16 20.89 -8.29
C ILE A 216 -15.33 21.56 -9.01
N GLU A 217 -15.69 21.02 -10.17
CA GLU A 217 -16.79 21.59 -10.92
C GLU A 217 -17.99 20.71 -10.68
N PRO A 218 -18.91 21.13 -9.77
CA PRO A 218 -20.09 20.32 -9.47
C PRO A 218 -20.79 19.82 -10.74
N GLU A 219 -20.84 20.65 -11.79
CA GLU A 219 -21.46 20.27 -13.06
C GLU A 219 -20.83 19.00 -13.65
N ALA A 220 -19.50 18.99 -13.75
CA ALA A 220 -18.77 17.84 -14.29
C ALA A 220 -19.04 16.55 -13.51
N MET A 221 -19.08 16.65 -12.19
CA MET A 221 -19.34 15.48 -11.32
C MET A 221 -20.74 14.90 -11.50
N MET A 222 -21.74 15.77 -11.46
CA MET A 222 -23.13 15.38 -11.70
C MET A 222 -23.28 14.68 -13.04
N GLU A 223 -22.65 15.20 -14.09
CA GLU A 223 -22.68 14.56 -15.42
C GLU A 223 -22.07 13.16 -15.39
N ILE A 224 -20.92 13.03 -14.74
CA ILE A 224 -20.28 11.71 -14.61
C ILE A 224 -21.15 10.68 -13.88
N PHE A 225 -21.66 11.06 -12.70
CA PHE A 225 -22.52 10.18 -11.91
C PHE A 225 -23.86 9.92 -12.59
N ALA A 226 -24.36 10.90 -13.33
CA ALA A 226 -25.54 10.69 -14.17
C ALA A 226 -25.34 9.54 -15.16
N ARG A 227 -24.23 9.56 -15.89
CA ARG A 227 -23.98 8.56 -16.94
C ARG A 227 -23.49 7.22 -16.37
N HIS A 228 -22.75 7.26 -15.27
CA HIS A 228 -22.17 6.05 -14.70
C HIS A 228 -22.40 6.02 -13.19
N PRO A 229 -23.62 5.66 -12.76
CA PRO A 229 -24.00 5.76 -11.36
C PRO A 229 -23.11 4.95 -10.42
N SER A 230 -22.52 3.86 -10.91
CA SER A 230 -21.67 3.02 -10.08
C SER A 230 -20.40 3.74 -9.59
N PHE A 231 -20.02 4.82 -10.28
CA PHE A 231 -18.78 5.55 -9.95
C PHE A 231 -18.85 6.22 -8.57
N VAL A 232 -20.06 6.47 -8.04
CA VAL A 232 -20.20 7.13 -6.74
C VAL A 232 -19.48 6.39 -5.62
N HIS A 233 -19.34 5.08 -5.77
CA HIS A 233 -18.73 4.28 -4.71
C HIS A 233 -17.25 4.67 -4.50
N SER A 234 -16.63 5.34 -5.48
CA SER A 234 -15.23 5.79 -5.33
C SER A 234 -15.07 7.13 -4.61
N PHE A 235 -16.19 7.78 -4.33
CA PHE A 235 -16.19 9.14 -3.74
C PHE A 235 -16.99 9.26 -2.44
N PRO A 236 -16.49 8.65 -1.36
CA PRO A 236 -17.28 8.59 -0.14
C PRO A 236 -17.14 9.87 0.67
N PRO A 237 -17.98 10.00 1.72
CA PRO A 237 -17.83 11.13 2.62
C PRO A 237 -16.54 11.00 3.46
N MET A 238 -16.15 12.10 4.07
CA MET A 238 -15.00 12.13 4.99
C MET A 238 -15.51 11.83 6.38
N PRO A 239 -15.02 10.74 7.01
CA PRO A 239 -15.50 10.34 8.33
C PRO A 239 -15.51 11.45 9.40
N VAL A 240 -14.47 12.30 9.47
CA VAL A 240 -14.49 13.41 10.46
C VAL A 240 -15.04 14.74 9.95
N GLN A 241 -15.52 14.78 8.70
CA GLN A 241 -16.30 15.90 8.20
C GLN A 241 -17.23 15.37 7.12
N PRO A 242 -18.29 14.62 7.52
CA PRO A 242 -19.18 13.92 6.56
C PRO A 242 -20.02 14.80 5.64
N ASN A 243 -20.08 16.10 5.88
CA ASN A 243 -20.77 17.02 4.96
C ASN A 243 -19.84 18.12 4.44
N GLY A 244 -20.00 18.50 3.19
CA GLY A 244 -19.24 19.60 2.58
C GLY A 244 -17.77 19.33 2.34
N PHE A 245 -16.97 20.40 2.31
CA PHE A 245 -15.61 20.33 1.81
C PHE A 245 -14.64 20.93 2.81
N MET A 246 -13.40 20.47 2.78
CA MET A 246 -12.34 21.13 3.53
C MET A 246 -11.84 22.40 2.80
N THR A 247 -11.18 23.28 3.54
CA THR A 247 -10.70 24.53 2.95
C THR A 247 -9.24 24.43 2.51
N ALA A 248 -8.85 25.31 1.60
CA ALA A 248 -7.48 25.39 1.12
C ALA A 248 -6.56 25.72 2.29
N ASP A 249 -7.00 26.60 3.19
CA ASP A 249 -6.21 26.94 4.38
C ASP A 249 -5.94 25.72 5.28
N GLU A 250 -6.88 24.78 5.34
CA GLU A 250 -6.68 23.58 6.16
C GLU A 250 -5.57 22.71 5.53
N VAL A 251 -5.55 22.67 4.20
CA VAL A 251 -4.47 21.90 3.54
C VAL A 251 -3.13 22.55 3.88
N ALA A 252 -3.12 23.87 3.90
CA ALA A 252 -1.89 24.62 4.22
C ALA A 252 -1.32 24.32 5.61
N ASP A 253 -2.15 23.87 6.56
CA ASP A 253 -1.60 23.44 7.87
C ASP A 253 -0.61 22.31 7.67
N VAL A 254 -0.93 21.35 6.78
CA VAL A 254 -0.09 20.18 6.54
C VAL A 254 1.21 20.60 5.83
N VAL A 255 1.08 21.40 4.77
CA VAL A 255 2.24 21.91 4.05
C VAL A 255 3.18 22.70 4.94
N ALA A 256 2.64 23.57 5.78
CA ALA A 256 3.50 24.35 6.72
C ALA A 256 4.31 23.43 7.60
N TRP A 257 3.68 22.37 8.11
CA TRP A 257 4.39 21.42 9.02
C TRP A 257 5.48 20.64 8.26
N LEU A 258 5.13 20.15 7.08
CA LEU A 258 6.12 19.49 6.21
C LEU A 258 7.27 20.42 5.81
N ALA A 259 6.98 21.69 5.57
CA ALA A 259 8.00 22.64 5.13
C ALA A 259 9.07 22.88 6.20
N GLY A 260 8.68 22.75 7.48
CA GLY A 260 9.54 23.05 8.61
C GLY A 260 10.16 21.86 9.34
N ASP A 261 10.94 22.19 10.37
CA ASP A 261 11.79 21.18 11.03
C ASP A 261 11.02 20.19 11.92
N GLY A 262 9.76 20.51 12.22
CA GLY A 262 8.91 19.63 13.04
C GLY A 262 8.70 18.29 12.35
N SER A 263 8.92 18.27 11.03
CA SER A 263 8.72 17.03 10.25
C SER A 263 10.04 16.43 9.77
N GLY A 264 11.14 16.75 10.48
CA GLY A 264 12.50 16.33 10.08
C GLY A 264 12.70 14.82 9.99
N THR A 265 11.79 14.04 10.61
CA THR A 265 11.82 12.58 10.53
C THR A 265 11.11 12.00 9.28
N LEU A 266 10.42 12.83 8.49
CA LEU A 266 9.67 12.36 7.31
C LEU A 266 10.36 12.68 6.00
N THR A 267 10.66 11.64 5.23
CA THR A 267 10.98 11.80 3.82
C THR A 267 10.47 10.54 3.14
N GLY A 268 9.98 10.71 1.92
CA GLY A 268 9.32 9.62 1.19
C GLY A 268 7.93 9.29 1.70
N THR A 269 7.30 10.18 2.48
CA THR A 269 5.94 9.82 2.96
C THR A 269 4.82 10.35 2.09
N GLN A 270 3.74 9.57 2.02
CA GLN A 270 2.54 9.92 1.27
C GLN A 270 1.54 10.30 2.37
N ILE A 271 1.22 11.58 2.51
CA ILE A 271 0.28 12.02 3.56
C ILE A 271 -1.10 12.30 3.01
N PRO A 272 -2.10 11.48 3.38
CA PRO A 272 -3.45 11.74 2.94
C PRO A 272 -4.03 12.90 3.70
N VAL A 273 -4.58 13.86 2.96
CA VAL A 273 -5.18 15.05 3.55
C VAL A 273 -6.65 14.94 3.14
N ASP A 274 -7.39 14.09 3.85
CA ASP A 274 -8.68 13.64 3.36
C ASP A 274 -9.69 13.46 4.47
N LYS A 275 -9.35 13.85 5.70
CA LYS A 275 -10.22 13.66 6.88
C LYS A 275 -10.81 12.23 6.95
N GLY A 276 -10.02 11.25 6.51
CA GLY A 276 -10.39 9.84 6.70
C GLY A 276 -10.99 9.15 5.47
N ALA A 277 -11.27 9.90 4.39
CA ALA A 277 -12.03 9.29 3.25
C ALA A 277 -11.40 8.03 2.67
N LEU A 278 -10.06 8.01 2.54
CA LEU A 278 -9.36 6.82 2.01
C LEU A 278 -9.55 5.58 2.88
N LYS A 279 -10.05 5.75 4.13
CA LYS A 279 -10.31 4.56 4.99
C LYS A 279 -11.52 3.71 4.56
N TYR A 280 -12.49 4.32 3.90
CA TYR A 280 -13.68 3.57 3.44
C TYR A 280 -13.35 2.65 2.27
N GLY B 11 -2.36 -34.26 -13.49
CA GLY B 11 -2.86 -33.08 -12.67
C GLY B 11 -1.70 -32.22 -12.20
N SER B 12 -1.94 -30.94 -11.95
CA SER B 12 -0.86 -30.01 -11.54
C SER B 12 -0.23 -30.34 -10.18
N LEU B 13 -0.95 -31.11 -9.36
CA LEU B 13 -0.48 -31.48 -8.01
C LEU B 13 -0.37 -33.01 -7.81
N GLN B 14 -0.20 -33.73 -8.91
CA GLN B 14 -0.22 -35.18 -8.88
C GLN B 14 0.87 -35.71 -7.93
N GLY B 15 0.44 -36.57 -7.02
CA GLY B 15 1.35 -37.20 -6.07
C GLY B 15 1.70 -36.35 -4.89
N ARG B 16 1.26 -35.10 -4.86
CA ARG B 16 1.61 -34.15 -3.78
C ARG B 16 0.65 -34.28 -2.60
N VAL B 17 0.94 -33.56 -1.51
CA VAL B 17 0.12 -33.64 -0.30
C VAL B 17 -0.18 -32.24 0.23
N ALA B 18 -1.45 -31.99 0.54
CA ALA B 18 -1.86 -30.69 1.03
C ALA B 18 -2.51 -30.82 2.40
N PHE B 19 -2.26 -29.85 3.27
CA PHE B 19 -2.74 -29.85 4.65
C PHE B 19 -3.65 -28.63 4.74
N ILE B 20 -4.93 -28.84 5.06
CA ILE B 20 -5.90 -27.72 5.01
C ILE B 20 -6.64 -27.61 6.34
N THR B 21 -6.66 -26.41 6.92
CA THR B 21 -7.46 -26.20 8.17
C THR B 21 -8.79 -25.53 7.88
N GLY B 22 -9.76 -25.73 8.78
CA GLY B 22 -11.11 -25.26 8.52
C GLY B 22 -11.73 -25.91 7.29
N ALA B 23 -11.43 -27.19 7.08
CA ALA B 23 -11.88 -27.94 5.88
C ALA B 23 -13.27 -28.58 5.96
N ALA B 24 -13.99 -28.38 7.07
CA ALA B 24 -15.32 -29.00 7.23
C ALA B 24 -16.36 -28.54 6.21
N ARG B 25 -16.28 -27.28 5.78
CA ARG B 25 -17.30 -26.68 4.90
C ARG B 25 -16.71 -25.45 4.22
N GLY B 26 -17.56 -24.74 3.48
CA GLY B 26 -17.23 -23.42 2.94
C GLY B 26 -15.96 -23.46 2.09
N GLN B 27 -15.12 -22.44 2.28
CA GLN B 27 -13.89 -22.29 1.50
C GLN B 27 -12.93 -23.45 1.70
N GLY B 28 -12.72 -23.84 2.95
CA GLY B 28 -11.79 -24.93 3.25
C GLY B 28 -12.21 -26.24 2.58
N ARG B 29 -13.49 -26.58 2.66
CA ARG B 29 -13.96 -27.75 1.86
C ARG B 29 -13.63 -27.61 0.36
N SER B 30 -13.92 -26.45 -0.22
CA SER B 30 -13.68 -26.23 -1.63
C SER B 30 -12.19 -26.38 -1.98
N HIS B 31 -11.29 -25.88 -1.13
CA HIS B 31 -9.86 -26.15 -1.35
C HIS B 31 -9.50 -27.63 -1.28
N ALA B 32 -10.05 -28.32 -0.29
CA ALA B 32 -9.77 -29.75 -0.15
C ALA B 32 -10.14 -30.52 -1.41
N VAL B 33 -11.36 -30.29 -1.90
CA VAL B 33 -11.87 -31.02 -3.07
C VAL B 33 -11.10 -30.57 -4.30
N ARG B 34 -10.85 -29.26 -4.42
CA ARG B 34 -10.14 -28.77 -5.62
C ARG B 34 -8.70 -29.30 -5.69
N LEU B 35 -7.95 -29.21 -4.59
CA LEU B 35 -6.58 -29.72 -4.60
C LEU B 35 -6.53 -31.25 -4.83
N ALA B 36 -7.56 -31.97 -4.38
CA ALA B 36 -7.67 -33.39 -4.66
C ALA B 36 -7.89 -33.63 -6.17
N ALA B 37 -8.74 -32.81 -6.79
CA ALA B 37 -9.00 -32.90 -8.23
C ALA B 37 -7.69 -32.65 -9.02
N GLU B 38 -6.82 -31.79 -8.46
CA GLU B 38 -5.51 -31.51 -9.05
C GLU B 38 -4.50 -32.62 -8.78
N GLY B 39 -4.87 -33.64 -8.01
CA GLY B 39 -3.97 -34.81 -7.82
C GLY B 39 -3.36 -34.97 -6.45
N ALA B 40 -3.66 -34.05 -5.53
CA ALA B 40 -3.03 -34.10 -4.22
C ALA B 40 -3.81 -34.97 -3.26
N ASP B 41 -3.10 -35.68 -2.38
CA ASP B 41 -3.77 -36.26 -1.22
C ASP B 41 -3.97 -35.19 -0.10
N ILE B 42 -4.98 -35.40 0.72
CA ILE B 42 -5.45 -34.33 1.60
C ILE B 42 -5.42 -34.69 3.08
N ILE B 43 -4.74 -33.85 3.86
CA ILE B 43 -4.84 -33.87 5.31
C ILE B 43 -5.76 -32.70 5.67
N ALA B 44 -6.90 -32.98 6.30
CA ALA B 44 -7.92 -31.94 6.50
C ALA B 44 -8.40 -31.94 7.94
N CYS B 45 -8.52 -30.75 8.53
CA CYS B 45 -8.96 -30.67 9.93
C CYS B 45 -9.88 -29.49 10.17
N ASP B 46 -10.67 -29.58 11.23
CA ASP B 46 -11.64 -28.54 11.54
C ASP B 46 -12.13 -28.78 12.97
N ILE B 47 -12.55 -27.72 13.64
CA ILE B 47 -13.00 -27.86 15.02
C ILE B 47 -14.39 -28.54 15.10
N CYS B 48 -15.16 -28.50 14.00
CA CYS B 48 -16.48 -29.14 13.91
C CYS B 48 -17.36 -28.90 15.16
N ALA B 49 -17.36 -27.65 15.60
CA ALA B 49 -18.02 -27.27 16.86
C ALA B 49 -18.15 -25.75 16.91
N PRO B 50 -19.14 -25.25 17.67
CA PRO B 50 -19.18 -23.81 17.89
C PRO B 50 -17.93 -23.38 18.66
N VAL B 51 -17.32 -22.27 18.27
CA VAL B 51 -16.08 -21.82 18.89
C VAL B 51 -16.39 -21.05 20.19
N SER B 52 -17.53 -20.38 20.20
CA SER B 52 -17.80 -19.42 21.25
C SER B 52 -19.24 -18.96 21.16
N ALA B 53 -19.82 -18.59 22.30
CA ALA B 53 -21.16 -18.02 22.29
C ALA B 53 -21.16 -16.69 21.56
N SER B 54 -19.99 -16.08 21.43
CA SER B 54 -19.85 -14.78 20.75
C SER B 54 -19.90 -14.86 19.21
N VAL B 55 -19.81 -16.07 18.66
CA VAL B 55 -19.84 -16.30 17.22
C VAL B 55 -21.25 -16.78 16.92
N THR B 56 -22.05 -15.93 16.28
CA THR B 56 -23.51 -16.12 16.24
C THR B 56 -24.09 -16.82 15.00
N TYR B 57 -23.25 -17.17 14.02
CA TYR B 57 -23.70 -17.94 12.86
C TYR B 57 -23.53 -19.43 13.14
N ALA B 58 -24.12 -20.27 12.29
CA ALA B 58 -24.14 -21.72 12.54
C ALA B 58 -22.73 -22.30 12.57
N PRO B 59 -22.46 -23.19 13.54
CA PRO B 59 -21.18 -23.86 13.60
C PRO B 59 -21.12 -25.01 12.61
N ALA B 60 -19.90 -25.45 12.28
CA ALA B 60 -19.66 -26.66 11.51
C ALA B 60 -19.86 -27.89 12.40
N SER B 61 -20.10 -29.04 11.79
CA SER B 61 -20.32 -30.30 12.52
C SER B 61 -19.33 -31.38 12.08
N PRO B 62 -19.17 -32.45 12.88
CA PRO B 62 -18.31 -33.56 12.41
C PRO B 62 -18.82 -34.16 11.10
N GLU B 63 -20.15 -34.26 10.95
CA GLU B 63 -20.75 -34.73 9.71
CA GLU B 63 -20.79 -34.70 9.69
C GLU B 63 -20.25 -33.91 8.50
N ASP B 64 -20.07 -32.60 8.70
CA ASP B 64 -19.55 -31.72 7.63
C ASP B 64 -18.16 -32.19 7.21
N LEU B 65 -17.27 -32.41 8.17
CA LEU B 65 -15.90 -32.88 7.83
C LEU B 65 -15.91 -34.25 7.12
N ASP B 66 -16.75 -35.18 7.58
CA ASP B 66 -16.87 -36.51 6.90
C ASP B 66 -17.30 -36.31 5.48
N GLU B 67 -18.14 -35.29 5.25
CA GLU B 67 -18.63 -35.01 3.89
C GLU B 67 -17.47 -34.49 3.01
N THR B 68 -16.68 -33.59 3.57
CA THR B 68 -15.47 -33.16 2.85
C THR B 68 -14.60 -34.36 2.46
N ALA B 69 -14.41 -35.28 3.40
CA ALA B 69 -13.64 -36.51 3.14
C ALA B 69 -14.24 -37.37 2.00
N ARG B 70 -15.57 -37.57 2.01
CA ARG B 70 -16.24 -38.30 0.92
C ARG B 70 -16.01 -37.60 -0.43
N LEU B 71 -16.08 -36.27 -0.43
CA LEU B 71 -15.84 -35.50 -1.68
C LEU B 71 -14.41 -35.63 -2.22
N VAL B 72 -13.44 -35.72 -1.30
CA VAL B 72 -12.04 -35.90 -1.69
C VAL B 72 -11.85 -37.28 -2.29
N GLU B 73 -12.45 -38.26 -1.64
CA GLU B 73 -12.32 -39.66 -2.06
C GLU B 73 -13.00 -39.90 -3.41
N ASP B 74 -14.05 -39.14 -3.71
CA ASP B 74 -14.66 -39.18 -5.04
C ASP B 74 -13.76 -38.63 -6.14
N GLN B 75 -12.73 -37.86 -5.76
CA GLN B 75 -11.77 -37.35 -6.73
C GLN B 75 -10.65 -38.39 -6.96
N GLY B 76 -10.78 -39.54 -6.32
CA GLY B 76 -9.81 -40.62 -6.50
C GLY B 76 -8.63 -40.51 -5.56
N ARG B 77 -8.71 -39.57 -4.61
CA ARG B 77 -7.63 -39.30 -3.69
C ARG B 77 -7.92 -39.80 -2.27
N LYS B 78 -6.90 -39.78 -1.43
CA LYS B 78 -7.04 -40.21 -0.05
C LYS B 78 -7.25 -38.98 0.83
N ALA B 79 -8.07 -39.12 1.87
CA ALA B 79 -8.19 -38.08 2.86
C ALA B 79 -7.94 -38.57 4.29
N LEU B 80 -7.02 -37.91 4.97
CA LEU B 80 -6.89 -38.04 6.42
C LEU B 80 -7.60 -36.84 7.05
N THR B 81 -8.66 -37.07 7.81
CA THR B 81 -9.38 -35.94 8.41
C THR B 81 -9.32 -36.09 9.91
N ARG B 82 -9.43 -34.96 10.62
CA ARG B 82 -9.33 -34.99 12.07
C ARG B 82 -10.05 -33.78 12.65
N VAL B 83 -10.83 -34.03 13.69
CA VAL B 83 -11.50 -32.96 14.43
C VAL B 83 -10.48 -32.43 15.42
N LEU B 84 -10.08 -31.17 15.22
CA LEU B 84 -9.20 -30.51 16.18
C LEU B 84 -9.36 -28.99 16.15
N ASP B 85 -8.80 -28.34 17.17
CA ASP B 85 -8.83 -26.89 17.30
C ASP B 85 -7.42 -26.36 16.90
N VAL B 86 -7.33 -25.40 15.98
CA VAL B 86 -6.00 -24.85 15.61
C VAL B 86 -5.29 -24.15 16.78
N ARG B 87 -6.00 -23.91 17.88
CA ARG B 87 -5.37 -23.28 19.07
C ARG B 87 -4.69 -24.34 19.97
N ASP B 88 -4.85 -25.60 19.59
CA ASP B 88 -4.38 -26.78 20.37
C ASP B 88 -3.10 -27.32 19.71
N ASP B 89 -1.97 -26.89 20.25
CA ASP B 89 -0.68 -27.20 19.67
C ASP B 89 -0.38 -28.70 19.55
N ALA B 90 -0.66 -29.46 20.62
CA ALA B 90 -0.38 -30.89 20.65
C ALA B 90 -1.18 -31.61 19.57
N ALA B 91 -2.46 -31.24 19.41
CA ALA B 91 -3.32 -31.85 18.40
C ALA B 91 -2.81 -31.57 16.99
N LEU B 92 -2.41 -30.32 16.75
CA LEU B 92 -1.77 -29.99 15.47
C LEU B 92 -0.49 -30.79 15.18
N ARG B 93 0.42 -30.83 16.16
CA ARG B 93 1.67 -31.58 16.00
C ARG B 93 1.39 -33.06 15.68
N GLU B 94 0.39 -33.63 16.37
CA GLU B 94 0.02 -35.05 16.21
C GLU B 94 -0.59 -35.35 14.84
N LEU B 95 -1.39 -34.41 14.34
CA LEU B 95 -1.94 -34.58 13.00
C LEU B 95 -0.87 -34.42 11.92
N VAL B 96 0.06 -33.49 12.10
CA VAL B 96 1.15 -33.35 11.12
C VAL B 96 1.96 -34.66 11.09
N ALA B 97 2.28 -35.18 12.27
CA ALA B 97 3.03 -36.45 12.40
C ALA B 97 2.30 -37.65 11.76
N ASP B 98 0.99 -37.77 12.01
CA ASP B 98 0.20 -38.86 11.42
C ASP B 98 0.16 -38.70 9.90
N GLY B 99 0.02 -37.45 9.45
CA GLY B 99 0.04 -37.15 8.02
C GLY B 99 1.37 -37.50 7.33
N MET B 100 2.47 -37.27 8.03
CA MET B 100 3.78 -37.61 7.47
C MET B 100 3.98 -39.12 7.47
N GLU B 101 3.49 -39.80 8.52
CA GLU B 101 3.52 -41.27 8.56
C GLU B 101 2.68 -41.87 7.42
N GLN B 102 1.53 -41.26 7.13
CA GLN B 102 0.67 -41.80 6.07
C GLN B 102 1.16 -41.51 4.66
N PHE B 103 1.65 -40.30 4.41
CA PHE B 103 1.88 -39.83 3.06
C PHE B 103 3.34 -39.56 2.70
N GLY B 104 4.18 -39.45 3.72
CA GLY B 104 5.63 -39.26 3.53
C GLY B 104 6.12 -37.96 2.91
N ARG B 105 5.27 -36.94 2.84
CA ARG B 105 5.67 -35.66 2.24
C ARG B 105 4.62 -34.60 2.57
N LEU B 106 4.95 -33.34 2.34
CA LEU B 106 4.03 -32.23 2.63
C LEU B 106 4.39 -31.04 1.75
N ASP B 107 3.53 -30.78 0.78
CA ASP B 107 3.79 -29.83 -0.27
C ASP B 107 3.04 -28.52 -0.19
N VAL B 108 1.80 -28.57 0.30
CA VAL B 108 0.94 -27.38 0.31
C VAL B 108 0.34 -27.25 1.71
N VAL B 109 0.26 -26.02 2.20
CA VAL B 109 -0.49 -25.76 3.43
C VAL B 109 -1.45 -24.63 3.10
N VAL B 110 -2.72 -24.84 3.46
CA VAL B 110 -3.75 -23.81 3.36
C VAL B 110 -4.29 -23.50 4.77
N ALA B 111 -3.82 -22.39 5.35
CA ALA B 111 -4.24 -22.00 6.72
C ALA B 111 -5.52 -21.16 6.59
N ASN B 112 -6.66 -21.84 6.69
CA ASN B 112 -7.95 -21.32 6.31
C ASN B 112 -8.95 -21.13 7.47
N ALA B 113 -8.78 -21.89 8.55
CA ALA B 113 -9.66 -21.80 9.73
C ALA B 113 -9.80 -20.34 10.21
N GLY B 114 -11.01 -19.92 10.56
CA GLY B 114 -11.25 -18.52 10.90
C GLY B 114 -12.62 -18.38 11.52
N VAL B 115 -12.79 -17.34 12.33
CA VAL B 115 -14.11 -16.98 12.93
C VAL B 115 -14.25 -15.46 12.87
N LEU B 116 -15.50 -14.99 12.95
CA LEU B 116 -15.88 -13.58 12.83
C LEU B 116 -16.96 -13.22 13.85
N SER B 117 -16.82 -12.04 14.45
CA SER B 117 -17.92 -11.45 15.22
C SER B 117 -17.83 -9.94 15.06
N TRP B 118 -18.82 -9.22 15.59
CA TRP B 118 -19.04 -7.83 15.27
C TRP B 118 -19.20 -7.00 16.52
N GLY B 119 -18.56 -5.84 16.53
CA GLY B 119 -18.76 -4.86 17.63
C GLY B 119 -17.79 -3.73 17.46
N ARG B 120 -18.17 -2.51 17.86
CA ARG B 120 -17.22 -1.38 17.79
C ARG B 120 -16.04 -1.62 18.76
N VAL B 121 -14.89 -1.03 18.44
CA VAL B 121 -13.64 -1.31 19.17
C VAL B 121 -13.77 -1.23 20.70
N TRP B 122 -14.38 -0.14 21.16
CA TRP B 122 -14.53 0.07 22.60
C TRP B 122 -15.72 -0.65 23.20
N GLU B 123 -16.48 -1.38 22.38
CA GLU B 123 -17.62 -2.15 22.85
C GLU B 123 -17.42 -3.67 22.80
N LEU B 124 -16.33 -4.10 22.17
CA LEU B 124 -15.98 -5.50 22.13
C LEU B 124 -15.74 -6.04 23.54
N THR B 125 -16.21 -7.25 23.79
CA THR B 125 -15.94 -7.98 25.02
C THR B 125 -14.59 -8.70 24.95
N ASP B 126 -14.04 -9.06 26.12
CA ASP B 126 -12.86 -9.92 26.19
C ASP B 126 -13.05 -11.19 25.38
N GLU B 127 -14.25 -11.78 25.44
CA GLU B 127 -14.52 -13.02 24.70
C GLU B 127 -14.43 -12.80 23.19
N GLN B 128 -15.06 -11.73 22.71
CA GLN B 128 -15.03 -11.40 21.29
C GLN B 128 -13.60 -11.24 20.79
N TRP B 129 -12.85 -10.42 21.51
CA TRP B 129 -11.45 -10.15 21.19
C TRP B 129 -10.59 -11.41 21.24
N ASP B 130 -10.63 -12.13 22.37
CA ASP B 130 -9.78 -13.30 22.57
C ASP B 130 -10.03 -14.42 21.55
N THR B 131 -11.30 -14.60 21.20
CA THR B 131 -11.69 -15.65 20.27
CA THR B 131 -11.65 -15.67 20.28
C THR B 131 -11.16 -15.37 18.86
N VAL B 132 -11.41 -14.16 18.37
CA VAL B 132 -11.00 -13.77 17.03
C VAL B 132 -9.46 -13.73 16.89
N ILE B 133 -8.78 -13.03 17.82
CA ILE B 133 -7.30 -13.01 17.82
C ILE B 133 -6.76 -14.43 18.00
N GLY B 134 -7.33 -15.16 18.97
CA GLY B 134 -6.82 -16.50 19.27
C GLY B 134 -6.95 -17.52 18.14
N VAL B 135 -8.12 -17.58 17.49
CA VAL B 135 -8.27 -18.51 16.36
C VAL B 135 -7.51 -18.00 15.13
N ASN B 136 -7.78 -16.75 14.77
CA ASN B 136 -7.33 -16.26 13.47
C ASN B 136 -5.85 -15.99 13.40
N LEU B 137 -5.34 -15.34 14.44
CA LEU B 137 -3.95 -14.93 14.40
C LEU B 137 -3.09 -16.01 15.06
N THR B 138 -3.32 -16.27 16.35
CA THR B 138 -2.53 -17.28 17.04
C THR B 138 -2.68 -18.68 16.42
N GLY B 139 -3.91 -19.08 16.10
CA GLY B 139 -4.21 -20.40 15.51
C GLY B 139 -3.51 -20.65 14.19
N THR B 140 -3.53 -19.64 13.32
CA THR B 140 -2.74 -19.69 12.06
C THR B 140 -1.25 -19.81 12.35
N TRP B 141 -0.74 -19.04 13.32
CA TRP B 141 0.69 -19.14 13.67
C TRP B 141 1.05 -20.57 14.13
N ARG B 142 0.21 -21.15 14.98
CA ARG B 142 0.45 -22.51 15.44
C ARG B 142 0.43 -23.51 14.29
N THR B 143 -0.49 -23.30 13.35
CA THR B 143 -0.59 -24.12 12.12
C THR B 143 0.71 -24.05 11.33
N LEU B 144 1.24 -22.83 11.11
CA LEU B 144 2.51 -22.70 10.40
C LEU B 144 3.67 -23.31 11.18
N ARG B 145 3.73 -23.04 12.47
CA ARG B 145 4.83 -23.66 13.26
C ARG B 145 4.83 -25.18 13.23
N ALA B 146 3.63 -25.77 13.25
CA ALA B 146 3.51 -27.21 13.22
C ALA B 146 3.81 -27.82 11.86
N THR B 147 3.57 -27.09 10.77
CA THR B 147 3.68 -27.67 9.40
C THR B 147 5.01 -27.37 8.70
N VAL B 148 5.57 -26.18 8.97
CA VAL B 148 6.77 -25.71 8.27
C VAL B 148 7.96 -26.69 8.44
N PRO B 149 8.25 -27.13 9.69
CA PRO B 149 9.36 -28.11 9.83
C PRO B 149 9.23 -29.39 8.98
N ALA B 150 8.02 -29.90 8.88
CA ALA B 150 7.76 -31.10 8.08
C ALA B 150 7.99 -30.83 6.60
N MET B 151 7.55 -29.67 6.13
CA MET B 151 7.79 -29.28 4.75
C MET B 151 9.27 -29.12 4.45
N ILE B 152 10.00 -28.47 5.37
CA ILE B 152 11.44 -28.33 5.20
C ILE B 152 12.11 -29.71 5.14
N GLU B 153 11.80 -30.54 6.13
CA GLU B 153 12.39 -31.89 6.27
C GLU B 153 12.16 -32.75 5.03
N ALA B 154 10.93 -32.70 4.49
CA ALA B 154 10.58 -33.46 3.28
C ALA B 154 11.45 -33.06 2.08
N GLY B 155 11.92 -31.82 2.06
CA GLY B 155 12.94 -31.39 1.09
C GLY B 155 12.51 -31.14 -0.37
N ASN B 156 11.21 -31.11 -0.64
CA ASN B 156 10.70 -30.85 -2.00
C ASN B 156 10.26 -29.40 -2.25
N GLY B 157 10.53 -28.51 -1.31
CA GLY B 157 10.01 -27.14 -1.40
C GLY B 157 8.53 -27.18 -1.09
N GLY B 158 7.79 -26.14 -1.47
CA GLY B 158 6.38 -26.13 -1.10
C GLY B 158 5.73 -24.79 -1.36
N SER B 159 4.43 -24.75 -1.09
CA SER B 159 3.66 -23.53 -1.26
C SER B 159 2.69 -23.45 -0.10
N ILE B 160 2.71 -22.30 0.60
CA ILE B 160 1.83 -22.07 1.73
C ILE B 160 0.91 -20.92 1.39
N VAL B 161 -0.39 -21.11 1.63
CA VAL B 161 -1.40 -20.13 1.34
C VAL B 161 -2.05 -19.76 2.67
N VAL B 162 -1.95 -18.48 3.03
CA VAL B 162 -2.56 -17.99 4.26
C VAL B 162 -3.84 -17.25 3.89
N VAL B 163 -4.96 -17.64 4.49
CA VAL B 163 -6.23 -16.99 4.21
C VAL B 163 -6.44 -15.80 5.15
N SER B 164 -6.18 -14.60 4.62
CA SER B 164 -6.48 -13.36 5.34
C SER B 164 -7.90 -12.94 4.96
N SER B 165 -8.08 -11.69 4.54
CA SER B 165 -9.37 -11.16 4.13
C SER B 165 -9.08 -9.84 3.46
N SER B 166 -10.04 -9.28 2.70
CA SER B 166 -9.90 -7.88 2.29
C SER B 166 -9.71 -6.98 3.53
N ALA B 167 -10.35 -7.34 4.67
CA ALA B 167 -10.15 -6.60 5.93
C ALA B 167 -8.74 -6.76 6.50
N GLY B 168 -7.96 -7.66 5.90
CA GLY B 168 -6.54 -7.74 6.20
C GLY B 168 -5.66 -6.78 5.39
N LEU B 169 -6.28 -6.07 4.45
CA LEU B 169 -5.57 -5.04 3.68
C LEU B 169 -6.19 -3.68 3.94
N LYS B 170 -7.51 -3.65 4.10
CA LYS B 170 -8.24 -2.43 4.37
C LYS B 170 -9.21 -2.70 5.53
N ALA B 171 -8.84 -2.21 6.71
CA ALA B 171 -9.60 -2.48 7.93
C ALA B 171 -10.99 -1.89 7.78
N THR B 172 -11.98 -2.59 8.35
CA THR B 172 -13.37 -2.21 8.27
C THR B 172 -13.96 -1.85 9.66
N PRO B 173 -15.04 -1.02 9.69
CA PRO B 173 -15.69 -0.69 10.93
C PRO B 173 -16.61 -1.82 11.43
N GLY B 174 -16.74 -1.89 12.75
CA GLY B 174 -17.59 -2.90 13.37
C GLY B 174 -16.89 -4.22 13.64
N ASN B 175 -15.67 -4.38 13.12
CA ASN B 175 -14.88 -5.60 13.40
C ASN B 175 -13.38 -5.34 13.47
N GLY B 176 -12.98 -4.40 14.32
CA GLY B 176 -11.56 -4.06 14.45
C GLY B 176 -10.70 -5.25 14.90
N HIS B 177 -11.28 -6.14 15.73
CA HIS B 177 -10.55 -7.34 16.17
C HIS B 177 -10.26 -8.28 14.99
N TYR B 178 -11.26 -8.49 14.13
CA TYR B 178 -11.11 -9.37 12.98
C TYR B 178 -10.14 -8.73 11.98
N SER B 179 -10.36 -7.46 11.65
CA SER B 179 -9.42 -6.68 10.81
C SER B 179 -7.99 -6.75 11.36
N ALA B 180 -7.80 -6.55 12.65
CA ALA B 180 -6.43 -6.65 13.23
C ALA B 180 -5.90 -8.09 13.07
N SER B 181 -6.73 -9.09 13.36
CA SER B 181 -6.27 -10.48 13.19
C SER B 181 -5.81 -10.72 11.74
N LYS B 182 -6.57 -10.19 10.78
CA LYS B 182 -6.30 -10.45 9.37
C LYS B 182 -5.12 -9.63 8.84
N HIS B 183 -4.91 -8.42 9.39
CA HIS B 183 -3.69 -7.64 9.08
C HIS B 183 -2.45 -8.36 9.66
N GLY B 184 -2.62 -8.91 10.84
CA GLY B 184 -1.56 -9.76 11.42
C GLY B 184 -1.16 -10.90 10.50
N LEU B 185 -2.12 -11.50 9.81
CA LEU B 185 -1.85 -12.58 8.89
C LEU B 185 -1.09 -12.14 7.65
N THR B 186 -1.39 -10.94 7.16
CA THR B 186 -0.62 -10.36 6.07
C THR B 186 0.86 -10.28 6.49
N ALA B 187 1.12 -9.80 7.69
CA ALA B 187 2.52 -9.70 8.20
C ALA B 187 3.19 -11.04 8.33
N LEU B 188 2.48 -12.00 8.94
CA LEU B 188 3.02 -13.34 9.07
C LEU B 188 3.37 -13.95 7.73
N THR B 189 2.50 -13.75 6.74
CA THR B 189 2.75 -14.20 5.37
C THR B 189 4.08 -13.63 4.89
N ASN B 190 4.27 -12.33 5.10
CA ASN B 190 5.41 -11.67 4.49
C ASN B 190 6.75 -11.96 5.19
N THR B 191 6.73 -11.91 6.51
CA THR B 191 7.87 -12.38 7.31
C THR B 191 8.24 -13.82 6.91
N LEU B 192 7.25 -14.71 6.88
CA LEU B 192 7.54 -16.12 6.54
C LEU B 192 8.07 -16.30 5.13
N ALA B 193 7.58 -15.48 4.19
CA ALA B 193 8.08 -15.56 2.81
C ALA B 193 9.57 -15.24 2.77
N ILE B 194 10.02 -14.23 3.54
CA ILE B 194 11.45 -13.89 3.57
C ILE B 194 12.23 -15.04 4.22
N GLU B 195 11.69 -15.59 5.30
CA GLU B 195 12.43 -16.61 6.09
C GLU B 195 12.49 -17.93 5.36
N LEU B 196 11.49 -18.22 4.54
CA LEU B 196 11.44 -19.50 3.85
C LEU B 196 12.00 -19.53 2.45
N GLY B 197 12.30 -18.35 1.89
CA GLY B 197 12.92 -18.26 0.57
C GLY B 197 14.06 -19.24 0.36
N GLU B 198 14.95 -19.32 1.34
CA GLU B 198 16.16 -20.12 1.19
C GLU B 198 15.86 -21.64 1.13
N TYR B 199 14.65 -22.02 1.56
CA TYR B 199 14.19 -23.42 1.60
C TYR B 199 13.36 -23.82 0.37
N GLY B 200 13.14 -22.86 -0.52
CA GLY B 200 12.34 -23.11 -1.73
C GLY B 200 10.86 -23.22 -1.39
N ILE B 201 10.45 -22.57 -0.28
CA ILE B 201 9.04 -22.57 0.08
C ILE B 201 8.43 -21.17 -0.13
N ARG B 202 7.37 -21.12 -0.95
CA ARG B 202 6.66 -19.87 -1.23
C ARG B 202 5.53 -19.69 -0.24
N VAL B 203 5.29 -18.44 0.15
CA VAL B 203 4.23 -18.12 1.11
C VAL B 203 3.47 -16.92 0.54
N ASN B 204 2.14 -17.08 0.36
CA ASN B 204 1.30 -16.01 -0.19
C ASN B 204 -0.01 -15.98 0.59
N SER B 205 -0.71 -14.86 0.52
CA SER B 205 -1.97 -14.70 1.23
C SER B 205 -3.08 -14.32 0.25
N ILE B 206 -4.29 -14.79 0.53
CA ILE B 206 -5.47 -14.40 -0.25
C ILE B 206 -6.37 -13.57 0.64
N HIS B 207 -7.08 -12.66 0.00
CA HIS B 207 -7.86 -11.66 0.69
C HIS B 207 -9.26 -11.60 0.10
N PRO B 208 -10.10 -12.59 0.48
CA PRO B 208 -11.40 -12.63 -0.17
C PRO B 208 -12.40 -11.59 0.37
N TYR B 209 -13.53 -11.48 -0.31
CA TYR B 209 -14.62 -10.57 0.06
C TYR B 209 -15.90 -11.20 -0.44
N SER B 210 -16.95 -11.20 0.38
CA SER B 210 -18.32 -11.52 -0.07
C SER B 210 -18.36 -12.96 -0.58
N VAL B 211 -17.78 -13.90 0.20
CA VAL B 211 -17.89 -15.31 -0.16
C VAL B 211 -19.08 -15.95 0.54
N GLU B 212 -19.88 -16.66 -0.25
CA GLU B 212 -21.15 -17.22 0.21
C GLU B 212 -20.92 -18.46 1.07
N THR B 213 -20.76 -18.23 2.37
CA THR B 213 -20.57 -19.28 3.36
C THR B 213 -21.39 -18.85 4.59
N PRO B 214 -21.55 -19.75 5.58
CA PRO B 214 -22.32 -19.36 6.79
C PRO B 214 -21.69 -18.20 7.61
N MET B 215 -20.39 -17.93 7.41
CA MET B 215 -19.72 -16.84 8.12
C MET B 215 -20.40 -15.51 7.80
N ILE B 216 -21.00 -15.39 6.60
CA ILE B 216 -21.67 -14.15 6.19
C ILE B 216 -23.21 -14.15 6.29
N GLU B 217 -23.79 -15.06 7.08
CA GLU B 217 -25.22 -14.91 7.46
C GLU B 217 -25.45 -13.40 7.80
N PRO B 218 -26.48 -12.79 7.17
CA PRO B 218 -26.59 -11.32 7.09
C PRO B 218 -27.16 -10.55 8.28
N GLU B 219 -27.63 -11.24 9.32
CA GLU B 219 -28.27 -10.56 10.45
C GLU B 219 -27.32 -9.60 11.19
N ALA B 220 -26.09 -10.04 11.43
CA ALA B 220 -25.17 -9.21 12.19
C ALA B 220 -24.89 -7.94 11.40
N MET B 221 -24.56 -8.08 10.11
CA MET B 221 -24.27 -6.93 9.27
C MET B 221 -25.48 -6.00 9.17
N MET B 222 -26.67 -6.56 9.00
CA MET B 222 -27.89 -5.74 8.98
C MET B 222 -28.01 -4.90 10.27
N GLU B 223 -27.67 -5.48 11.41
CA GLU B 223 -27.76 -4.76 12.67
C GLU B 223 -26.70 -3.64 12.77
N ILE B 224 -25.47 -3.96 12.40
CA ILE B 224 -24.40 -2.97 12.36
C ILE B 224 -24.79 -1.75 11.52
N PHE B 225 -25.29 -2.00 10.31
CA PHE B 225 -25.68 -0.91 9.45
C PHE B 225 -26.86 -0.08 10.02
N ALA B 226 -27.80 -0.74 10.69
CA ALA B 226 -28.96 -0.02 11.25
C ALA B 226 -28.53 0.89 12.38
N ARG B 227 -27.54 0.45 13.18
CA ARG B 227 -27.07 1.23 14.30
C ARG B 227 -26.03 2.27 13.86
N HIS B 228 -25.30 1.98 12.80
CA HIS B 228 -24.19 2.84 12.39
C HIS B 228 -24.20 3.00 10.87
N PRO B 229 -25.17 3.77 10.35
CA PRO B 229 -25.42 3.77 8.88
C PRO B 229 -24.23 4.19 8.00
N SER B 230 -23.35 5.05 8.53
CA SER B 230 -22.17 5.48 7.76
C SER B 230 -21.17 4.34 7.48
N PHE B 231 -21.30 3.23 8.18
CA PHE B 231 -20.38 2.09 7.96
C PHE B 231 -20.60 1.43 6.59
N VAL B 232 -21.74 1.71 5.96
CA VAL B 232 -22.04 1.11 4.65
CA VAL B 232 -22.04 1.09 4.66
C VAL B 232 -21.01 1.43 3.59
N HIS B 233 -20.31 2.56 3.78
CA HIS B 233 -19.32 3.02 2.78
C HIS B 233 -18.08 2.12 2.70
N SER B 234 -17.88 1.30 3.74
CA SER B 234 -16.77 0.36 3.73
C SER B 234 -17.05 -0.97 3.00
N PHE B 235 -18.26 -1.15 2.53
CA PHE B 235 -18.68 -2.45 2.00
C PHE B 235 -19.32 -2.27 0.62
N PRO B 236 -18.51 -1.86 -0.37
CA PRO B 236 -19.04 -1.55 -1.69
C PRO B 236 -19.38 -2.82 -2.50
N PRO B 237 -20.05 -2.63 -3.64
CA PRO B 237 -20.28 -3.76 -4.56
C PRO B 237 -18.98 -4.22 -5.25
N MET B 238 -18.99 -5.44 -5.81
CA MET B 238 -17.86 -5.91 -6.63
C MET B 238 -18.08 -5.45 -8.07
N PRO B 239 -17.17 -4.61 -8.61
CA PRO B 239 -17.24 -4.09 -10.00
C PRO B 239 -17.55 -5.13 -11.11
N VAL B 240 -16.90 -6.29 -11.11
CA VAL B 240 -17.23 -7.33 -12.11
C VAL B 240 -18.30 -8.33 -11.66
N GLN B 241 -18.85 -8.15 -10.47
CA GLN B 241 -20.05 -8.90 -10.06
C GLN B 241 -20.88 -8.04 -9.09
N PRO B 242 -21.54 -6.99 -9.62
CA PRO B 242 -22.20 -5.97 -8.77
C PRO B 242 -23.44 -6.46 -7.99
N ASN B 243 -23.89 -7.68 -8.30
CA ASN B 243 -24.93 -8.34 -7.52
C ASN B 243 -24.49 -9.69 -6.89
N GLY B 244 -24.81 -9.86 -5.61
CA GLY B 244 -24.67 -11.14 -4.93
C GLY B 244 -23.28 -11.45 -4.44
N PHE B 245 -22.97 -12.74 -4.36
CA PHE B 245 -21.76 -13.20 -3.73
C PHE B 245 -20.98 -14.10 -4.66
N MET B 246 -19.67 -14.14 -4.45
CA MET B 246 -18.86 -15.17 -5.11
C MET B 246 -18.95 -16.48 -4.32
N THR B 247 -18.60 -17.59 -4.96
CA THR B 247 -18.76 -18.92 -4.36
C THR B 247 -17.42 -19.36 -3.77
N ALA B 248 -17.48 -20.30 -2.83
CA ALA B 248 -16.28 -20.93 -2.30
C ALA B 248 -15.44 -21.62 -3.38
N ASP B 249 -16.10 -22.23 -4.36
CA ASP B 249 -15.38 -22.89 -5.44
C ASP B 249 -14.58 -21.88 -6.25
N GLU B 250 -15.06 -20.65 -6.34
CA GLU B 250 -14.36 -19.62 -7.11
C GLU B 250 -13.09 -19.23 -6.36
N VAL B 251 -13.15 -19.21 -5.03
CA VAL B 251 -11.95 -18.92 -4.27
C VAL B 251 -10.90 -20.03 -4.47
N ALA B 252 -11.37 -21.27 -4.58
CA ALA B 252 -10.50 -22.44 -4.76
C ALA B 252 -9.71 -22.38 -6.07
N ASP B 253 -10.22 -21.66 -7.09
CA ASP B 253 -9.43 -21.47 -8.35
C ASP B 253 -8.09 -20.78 -8.05
N VAL B 254 -8.14 -19.78 -7.16
CA VAL B 254 -6.92 -19.01 -6.85
C VAL B 254 -5.98 -19.84 -5.98
N VAL B 255 -6.55 -20.47 -4.97
CA VAL B 255 -5.74 -21.38 -4.16
C VAL B 255 -5.06 -22.48 -4.98
N ALA B 256 -5.79 -23.10 -5.91
CA ALA B 256 -5.19 -24.13 -6.72
C ALA B 256 -3.98 -23.63 -7.51
N TRP B 257 -4.07 -22.42 -8.05
CA TRP B 257 -2.96 -21.82 -8.82
C TRP B 257 -1.77 -21.50 -7.92
N LEU B 258 -2.04 -20.91 -6.74
CA LEU B 258 -0.99 -20.61 -5.81
C LEU B 258 -0.29 -21.88 -5.31
N ALA B 259 -1.06 -22.94 -5.13
CA ALA B 259 -0.56 -24.21 -4.62
C ALA B 259 0.46 -24.85 -5.57
N GLY B 260 0.28 -24.60 -6.87
CA GLY B 260 1.07 -25.28 -7.91
C GLY B 260 2.18 -24.44 -8.54
N ASP B 261 2.90 -25.03 -9.49
CA ASP B 261 4.12 -24.41 -10.03
C ASP B 261 3.85 -23.22 -10.98
N GLY B 262 2.62 -23.09 -11.44
CA GLY B 262 2.24 -21.95 -12.30
C GLY B 262 2.45 -20.60 -11.62
N SER B 263 2.47 -20.59 -10.29
CA SER B 263 2.70 -19.37 -9.50
C SER B 263 4.11 -19.32 -8.88
N GLY B 264 5.04 -20.09 -9.45
CA GLY B 264 6.42 -20.19 -8.94
C GLY B 264 7.16 -18.85 -8.84
N THR B 265 6.66 -17.80 -9.50
CA THR B 265 7.32 -16.50 -9.39
C THR B 265 6.80 -15.63 -8.24
N LEU B 266 5.78 -16.11 -7.54
CA LEU B 266 5.12 -15.38 -6.46
C LEU B 266 5.49 -15.92 -5.11
N THR B 267 6.02 -15.04 -4.26
CA THR B 267 6.08 -15.28 -2.84
C THR B 267 5.98 -13.90 -2.18
N GLY B 268 5.38 -13.88 -1.00
CA GLY B 268 5.16 -12.62 -0.32
C GLY B 268 4.07 -11.79 -0.96
N THR B 269 3.24 -12.38 -1.81
CA THR B 269 2.15 -11.58 -2.45
C THR B 269 0.83 -11.64 -1.68
N GLN B 270 0.13 -10.51 -1.68
CA GLN B 270 -1.23 -10.38 -1.11
C GLN B 270 -2.20 -10.33 -2.30
N ILE B 271 -2.92 -11.42 -2.55
CA ILE B 271 -3.84 -11.48 -3.68
C ILE B 271 -5.31 -11.22 -3.24
N PRO B 272 -5.86 -10.07 -3.64
CA PRO B 272 -7.27 -9.83 -3.33
C PRO B 272 -8.16 -10.71 -4.18
N VAL B 273 -9.11 -11.37 -3.53
CA VAL B 273 -10.05 -12.23 -4.24
C VAL B 273 -11.41 -11.58 -4.03
N ASP B 274 -11.65 -10.53 -4.81
CA ASP B 274 -12.74 -9.61 -4.42
C ASP B 274 -13.51 -9.07 -5.60
N LYS B 275 -13.17 -9.54 -6.81
CA LYS B 275 -13.82 -9.08 -8.03
C LYS B 275 -13.81 -7.54 -8.12
N GLY B 276 -12.78 -6.94 -7.55
CA GLY B 276 -12.50 -5.52 -7.73
C GLY B 276 -12.97 -4.61 -6.61
N ALA B 277 -13.60 -5.17 -5.60
CA ALA B 277 -14.22 -4.34 -4.56
C ALA B 277 -13.25 -3.37 -3.84
N LEU B 278 -12.00 -3.81 -3.61
CA LEU B 278 -11.01 -2.94 -2.95
C LEU B 278 -10.62 -1.73 -3.81
N LYS B 279 -11.00 -1.75 -5.08
CA LYS B 279 -10.68 -0.60 -5.95
C LYS B 279 -11.51 0.64 -5.63
N TYR B 280 -12.71 0.43 -5.09
CA TYR B 280 -13.61 1.55 -4.80
C TYR B 280 -13.16 2.33 -3.59
N GLY C 11 -5.77 -26.30 -23.48
CA GLY C 11 -6.56 -25.24 -24.21
C GLY C 11 -7.39 -24.30 -23.35
N SER C 12 -6.78 -23.68 -22.33
CA SER C 12 -7.51 -22.68 -21.51
C SER C 12 -8.01 -21.45 -22.30
N LEU C 13 -7.37 -21.17 -23.44
CA LEU C 13 -7.78 -20.05 -24.27
C LEU C 13 -8.19 -20.50 -25.70
N GLN C 14 -8.67 -21.74 -25.83
CA GLN C 14 -9.02 -22.27 -27.14
C GLN C 14 -10.05 -21.38 -27.80
N GLY C 15 -9.73 -20.93 -29.02
CA GLY C 15 -10.64 -20.14 -29.84
C GLY C 15 -10.64 -18.66 -29.50
N ARG C 16 -9.81 -18.25 -28.54
CA ARG C 16 -9.75 -16.85 -28.17
C ARG C 16 -8.69 -16.11 -28.98
N VAL C 17 -8.67 -14.78 -28.85
CA VAL C 17 -7.72 -13.90 -29.55
C VAL C 17 -7.03 -12.95 -28.55
N ALA C 18 -5.70 -12.87 -28.64
CA ALA C 18 -4.93 -11.98 -27.77
C ALA C 18 -4.19 -10.97 -28.60
N PHE C 19 -4.12 -9.74 -28.08
CA PHE C 19 -3.43 -8.64 -28.74
C PHE C 19 -2.27 -8.29 -27.80
N ILE C 20 -1.05 -8.36 -28.32
CA ILE C 20 0.16 -8.15 -27.51
C ILE C 20 1.12 -7.14 -28.09
N THR C 21 1.49 -6.13 -27.30
CA THR C 21 2.50 -5.14 -27.74
C THR C 21 3.90 -5.50 -27.23
N GLY C 22 4.93 -5.00 -27.90
CA GLY C 22 6.29 -5.34 -27.53
C GLY C 22 6.59 -6.83 -27.68
N ALA C 23 5.98 -7.47 -28.68
CA ALA C 23 6.09 -8.92 -28.84
C ALA C 23 7.28 -9.44 -29.68
N ALA C 24 8.17 -8.54 -30.12
CA ALA C 24 9.36 -8.99 -30.89
C ALA C 24 10.26 -9.97 -30.14
N ARG C 25 10.38 -9.80 -28.82
CA ARG C 25 11.37 -10.54 -28.06
C ARG C 25 11.01 -10.47 -26.57
N GLY C 26 11.89 -11.05 -25.73
CA GLY C 26 11.82 -10.85 -24.27
C GLY C 26 10.49 -11.33 -23.72
N GLN C 27 9.92 -10.59 -22.78
CA GLN C 27 8.66 -11.02 -22.19
C GLN C 27 7.49 -11.07 -23.19
N GLY C 28 7.39 -10.07 -24.07
CA GLY C 28 6.30 -10.02 -25.03
C GLY C 28 6.26 -11.24 -25.93
N ARG C 29 7.43 -11.66 -26.39
CA ARG C 29 7.54 -12.88 -27.16
C ARG C 29 7.04 -14.09 -26.35
N SER C 30 7.46 -14.18 -25.09
CA SER C 30 7.06 -15.31 -24.26
C SER C 30 5.55 -15.38 -24.05
N HIS C 31 4.90 -14.21 -23.86
CA HIS C 31 3.43 -14.16 -23.79
C HIS C 31 2.79 -14.58 -25.11
N ALA C 32 3.31 -14.09 -26.23
CA ALA C 32 2.70 -14.46 -27.51
C ALA C 32 2.68 -15.99 -27.66
N VAL C 33 3.83 -16.61 -27.43
CA VAL C 33 3.96 -18.05 -27.66
C VAL C 33 3.16 -18.85 -26.66
N ARG C 34 3.14 -18.40 -25.41
CA ARG C 34 2.38 -19.13 -24.38
C ARG C 34 0.86 -19.07 -24.60
N LEU C 35 0.35 -17.88 -24.87
CA LEU C 35 -1.08 -17.71 -25.09
C LEU C 35 -1.49 -18.49 -26.33
N ALA C 36 -0.60 -18.55 -27.31
CA ALA C 36 -0.79 -19.38 -28.49
C ALA C 36 -0.90 -20.85 -28.10
N ALA C 37 0.04 -21.33 -27.28
CA ALA C 37 -0.01 -22.74 -26.81
C ALA C 37 -1.25 -23.02 -25.95
N GLU C 38 -1.81 -21.99 -25.31
CA GLU C 38 -3.08 -22.16 -24.57
C GLU C 38 -4.29 -22.16 -25.52
N GLY C 39 -4.06 -21.90 -26.81
CA GLY C 39 -5.14 -21.93 -27.80
C GLY C 39 -5.54 -20.64 -28.50
N ALA C 40 -4.94 -19.51 -28.13
CA ALA C 40 -5.34 -18.23 -28.69
C ALA C 40 -4.64 -17.91 -30.00
N ASP C 41 -5.36 -17.37 -30.97
CA ASP C 41 -4.66 -16.74 -32.10
C ASP C 41 -4.17 -15.37 -31.64
N ILE C 42 -3.12 -14.87 -32.30
CA ILE C 42 -2.31 -13.74 -31.81
C ILE C 42 -2.23 -12.59 -32.79
N ILE C 43 -2.58 -11.39 -32.31
CA ILE C 43 -2.25 -10.12 -32.98
C ILE C 43 -1.07 -9.55 -32.18
N ALA C 44 0.07 -9.34 -32.82
CA ALA C 44 1.26 -8.91 -32.07
C ALA C 44 1.98 -7.80 -32.82
N CYS C 45 2.59 -6.88 -32.07
CA CYS C 45 3.26 -5.74 -32.71
C CYS C 45 4.46 -5.31 -31.91
N ASP C 46 5.37 -4.59 -32.56
CA ASP C 46 6.56 -4.09 -31.93
C ASP C 46 7.21 -3.07 -32.86
N ILE C 47 7.94 -2.13 -32.28
CA ILE C 47 8.64 -1.09 -33.05
C ILE C 47 9.80 -1.65 -33.89
N CYS C 48 10.40 -2.75 -33.44
CA CYS C 48 11.45 -3.45 -34.20
C CYS C 48 12.51 -2.45 -34.67
N ALA C 49 12.85 -1.50 -33.80
CA ALA C 49 13.82 -0.48 -34.17
C ALA C 49 14.30 0.24 -32.89
N PRO C 50 15.43 0.94 -32.97
CA PRO C 50 15.77 1.72 -31.76
C PRO C 50 14.71 2.77 -31.47
N VAL C 51 14.44 3.01 -30.18
CA VAL C 51 13.42 3.95 -29.79
C VAL C 51 13.99 5.36 -29.62
N SER C 52 15.20 5.45 -29.10
CA SER C 52 15.84 6.71 -28.74
C SER C 52 17.29 6.42 -28.48
N ALA C 53 18.17 7.37 -28.81
CA ALA C 53 19.58 7.34 -28.36
C ALA C 53 19.67 7.19 -26.84
N SER C 54 18.65 7.66 -26.12
CA SER C 54 18.61 7.58 -24.66
C SER C 54 18.39 6.16 -24.10
N VAL C 55 17.96 5.24 -24.95
CA VAL C 55 17.75 3.85 -24.55
C VAL C 55 18.95 3.10 -25.11
N THR C 56 19.88 2.75 -24.22
CA THR C 56 21.24 2.39 -24.63
C THR C 56 21.48 0.89 -24.85
N TYR C 57 20.54 0.03 -24.47
CA TYR C 57 20.68 -1.40 -24.72
C TYR C 57 20.26 -1.72 -26.17
N ALA C 58 20.51 -2.95 -26.60
CA ALA C 58 20.26 -3.36 -27.99
C ALA C 58 18.78 -3.30 -28.35
N PRO C 59 18.44 -2.72 -29.51
CA PRO C 59 17.03 -2.65 -29.90
C PRO C 59 16.58 -3.96 -30.50
N ALA C 60 15.26 -4.15 -30.61
CA ALA C 60 14.69 -5.33 -31.25
C ALA C 60 14.77 -5.13 -32.77
N SER C 61 14.65 -6.22 -33.51
CA SER C 61 14.76 -6.19 -34.96
C SER C 61 13.44 -6.67 -35.59
N PRO C 62 13.18 -6.32 -36.86
CA PRO C 62 12.04 -6.96 -37.55
C PRO C 62 12.16 -8.48 -37.62
N GLU C 63 13.39 -9.01 -37.75
CA GLU C 63 13.61 -10.47 -37.71
C GLU C 63 13.09 -11.09 -36.42
N ASP C 64 13.35 -10.41 -35.28
CA ASP C 64 12.79 -10.85 -33.99
C ASP C 64 11.27 -11.04 -34.08
N LEU C 65 10.55 -10.06 -34.63
CA LEU C 65 9.09 -10.19 -34.64
C LEU C 65 8.64 -11.32 -35.58
N ASP C 66 9.32 -11.49 -36.72
CA ASP C 66 9.02 -12.64 -37.61
C ASP C 66 9.25 -13.92 -36.86
N GLU C 67 10.28 -13.93 -36.02
CA GLU C 67 10.60 -15.09 -35.24
C GLU C 67 9.46 -15.43 -34.27
N THR C 68 8.98 -14.42 -33.53
CA THR C 68 7.76 -14.61 -32.69
C THR C 68 6.57 -15.19 -33.51
N ALA C 69 6.32 -14.62 -34.68
CA ALA C 69 5.25 -15.10 -35.57
C ALA C 69 5.41 -16.58 -35.90
N ARG C 70 6.63 -17.01 -36.25
CA ARG C 70 6.86 -18.42 -36.60
C ARG C 70 6.63 -19.32 -35.39
N LEU C 71 7.04 -18.86 -34.20
CA LEU C 71 6.86 -19.64 -32.97
C LEU C 71 5.40 -19.85 -32.62
N VAL C 72 4.59 -18.81 -32.89
CA VAL C 72 3.15 -18.84 -32.66
C VAL C 72 2.51 -19.82 -33.64
N GLU C 73 2.93 -19.74 -34.89
CA GLU C 73 2.46 -20.66 -35.92
C GLU C 73 2.81 -22.11 -35.60
N ASP C 74 3.96 -22.33 -34.98
CA ASP C 74 4.33 -23.69 -34.58
C ASP C 74 3.43 -24.26 -33.52
N GLN C 75 2.75 -23.39 -32.76
CA GLN C 75 1.76 -23.85 -31.77
C GLN C 75 0.43 -24.23 -32.42
N GLY C 76 0.33 -24.05 -33.74
CA GLY C 76 -0.86 -24.43 -34.48
C GLY C 76 -1.85 -23.29 -34.62
N ARG C 77 -1.40 -22.09 -34.27
CA ARG C 77 -2.26 -20.91 -34.25
CA ARG C 77 -2.28 -20.93 -34.24
C ARG C 77 -1.90 -19.94 -35.35
N LYS C 78 -2.75 -18.94 -35.56
CA LYS C 78 -2.49 -17.87 -36.51
C LYS C 78 -1.86 -16.68 -35.79
N ALA C 79 -0.96 -15.99 -36.51
CA ALA C 79 -0.28 -14.80 -36.03
C ALA C 79 -0.42 -13.71 -37.06
N LEU C 80 -1.01 -12.58 -36.65
CA LEU C 80 -0.99 -11.36 -37.41
C LEU C 80 0.00 -10.42 -36.72
N THR C 81 1.12 -10.15 -37.37
CA THR C 81 2.10 -9.25 -36.77
C THR C 81 2.32 -7.99 -37.61
N ARG C 82 2.75 -6.93 -36.93
CA ARG C 82 3.04 -5.67 -37.61
C ARG C 82 4.08 -4.85 -36.88
N VAL C 83 4.97 -4.22 -37.65
CA VAL C 83 5.92 -3.26 -37.08
C VAL C 83 5.21 -1.91 -36.91
N LEU C 84 5.02 -1.49 -35.66
CA LEU C 84 4.48 -0.16 -35.41
C LEU C 84 4.99 0.35 -34.06
N ASP C 85 4.86 1.63 -33.85
CA ASP C 85 5.19 2.29 -32.59
C ASP C 85 3.87 2.49 -31.80
N VAL C 86 3.80 2.05 -30.54
CA VAL C 86 2.58 2.26 -29.70
C VAL C 86 2.28 3.76 -29.46
N ARG C 87 3.19 4.66 -29.83
CA ARG C 87 2.86 6.10 -29.72
C ARG C 87 2.12 6.61 -30.97
N ASP C 88 1.98 5.73 -31.97
CA ASP C 88 1.33 6.05 -33.26
C ASP C 88 -0.12 5.57 -33.25
N ASP C 89 -1.03 6.48 -32.93
CA ASP C 89 -2.42 6.10 -32.71
C ASP C 89 -3.05 5.47 -33.96
N ALA C 90 -2.81 6.08 -35.13
CA ALA C 90 -3.38 5.58 -36.38
C ALA C 90 -2.93 4.14 -36.68
N ALA C 91 -1.66 3.87 -36.38
CA ALA C 91 -1.10 2.54 -36.63
C ALA C 91 -1.81 1.53 -35.77
N LEU C 92 -1.99 1.88 -34.50
CA LEU C 92 -2.70 1.02 -33.54
C LEU C 92 -4.14 0.74 -33.99
N ARG C 93 -4.85 1.80 -34.36
CA ARG C 93 -6.25 1.68 -34.78
C ARG C 93 -6.37 0.76 -36.01
N GLU C 94 -5.46 0.94 -36.96
CA GLU C 94 -5.45 0.15 -38.19
C GLU C 94 -5.15 -1.32 -37.88
N LEU C 95 -4.21 -1.57 -36.95
CA LEU C 95 -3.91 -2.96 -36.61
C LEU C 95 -5.09 -3.63 -35.89
N VAL C 96 -5.75 -2.90 -35.00
CA VAL C 96 -6.91 -3.44 -34.31
C VAL C 96 -8.01 -3.73 -35.35
N ALA C 97 -8.24 -2.80 -36.28
CA ALA C 97 -9.25 -3.03 -37.32
C ALA C 97 -8.94 -4.27 -38.19
N ASP C 98 -7.70 -4.40 -38.67
CA ASP C 98 -7.30 -5.55 -39.48
C ASP C 98 -7.44 -6.85 -38.71
N GLY C 99 -7.04 -6.80 -37.43
CA GLY C 99 -7.17 -7.93 -36.51
C GLY C 99 -8.62 -8.35 -36.30
N MET C 100 -9.53 -7.37 -36.17
CA MET C 100 -10.94 -7.71 -35.93
C MET C 100 -11.53 -8.29 -37.21
N GLU C 101 -11.14 -7.72 -38.35
CA GLU C 101 -11.56 -8.24 -39.66
C GLU C 101 -11.17 -9.70 -39.83
N GLN C 102 -9.94 -10.05 -39.43
CA GLN C 102 -9.42 -11.41 -39.57
C GLN C 102 -10.00 -12.36 -38.53
N PHE C 103 -10.09 -11.91 -37.27
CA PHE C 103 -10.47 -12.85 -36.20
C PHE C 103 -11.85 -12.66 -35.58
N GLY C 104 -12.41 -11.47 -35.70
CA GLY C 104 -13.79 -11.21 -35.27
C GLY C 104 -14.04 -11.11 -33.79
N ARG C 105 -12.97 -11.08 -32.99
CA ARG C 105 -13.08 -11.05 -31.53
C ARG C 105 -11.74 -10.60 -30.92
N LEU C 106 -11.81 -10.17 -29.66
CA LEU C 106 -10.62 -9.75 -28.91
C LEU C 106 -10.87 -10.07 -27.44
N ASP C 107 -10.12 -11.05 -26.90
CA ASP C 107 -10.39 -11.57 -25.56
C ASP C 107 -9.36 -11.16 -24.52
N VAL C 108 -8.14 -10.88 -25.00
CA VAL C 108 -6.99 -10.61 -24.11
C VAL C 108 -6.16 -9.51 -24.71
N VAL C 109 -5.80 -8.55 -23.86
CA VAL C 109 -4.80 -7.53 -24.26
C VAL C 109 -3.63 -7.61 -23.28
N VAL C 110 -2.40 -7.69 -23.78
CA VAL C 110 -1.21 -7.66 -22.93
C VAL C 110 -0.43 -6.44 -23.36
N ALA C 111 -0.52 -5.38 -22.56
CA ALA C 111 0.14 -4.12 -22.90
C ALA C 111 1.51 -4.16 -22.27
N ASN C 112 2.47 -4.59 -23.12
CA ASN C 112 3.79 -4.98 -22.67
C ASN C 112 4.96 -4.09 -23.19
N ALA C 113 4.77 -3.41 -24.33
CA ALA C 113 5.85 -2.51 -24.88
C ALA C 113 6.39 -1.58 -23.78
N GLY C 114 7.70 -1.44 -23.72
CA GLY C 114 8.25 -0.52 -22.76
C GLY C 114 9.72 -0.30 -23.02
N VAL C 115 10.23 0.77 -22.44
CA VAL C 115 11.64 1.15 -22.53
C VAL C 115 12.14 1.67 -21.17
N LEU C 116 13.46 1.57 -20.96
CA LEU C 116 14.13 2.01 -19.71
C LEU C 116 15.40 2.82 -20.03
N SER C 117 15.68 3.82 -19.20
CA SER C 117 16.94 4.54 -19.20
C SER C 117 17.15 5.06 -17.78
N TRP C 118 18.32 5.64 -17.52
CA TRP C 118 18.76 5.88 -16.15
C TRP C 118 19.32 7.29 -16.01
N GLY C 119 19.01 7.93 -14.89
CA GLY C 119 19.52 9.27 -14.60
C GLY C 119 18.78 9.76 -13.37
N ARG C 120 19.48 10.45 -12.46
CA ARG C 120 18.79 11.11 -11.33
C ARG C 120 17.79 12.18 -11.79
N VAL C 121 16.79 12.41 -10.97
CA VAL C 121 15.58 13.16 -11.43
C VAL C 121 15.96 14.52 -12.05
N TRP C 122 16.84 15.23 -11.36
CA TRP C 122 17.22 16.58 -11.82
C TRP C 122 18.29 16.60 -12.89
N GLU C 123 18.79 15.41 -13.27
CA GLU C 123 19.81 15.28 -14.29
C GLU C 123 19.27 14.62 -15.56
N LEU C 124 18.02 14.15 -15.52
CA LEU C 124 17.33 13.63 -16.70
C LEU C 124 17.21 14.68 -17.79
N THR C 125 17.42 14.26 -19.04
CA THR C 125 17.22 15.16 -20.17
C THR C 125 15.76 15.08 -20.63
N ASP C 126 15.35 16.09 -21.41
CA ASP C 126 14.03 16.09 -22.04
C ASP C 126 13.84 14.81 -22.86
N GLU C 127 14.88 14.37 -23.59
CA GLU C 127 14.75 13.16 -24.40
C GLU C 127 14.57 11.91 -23.54
N GLN C 128 15.29 11.81 -22.44
CA GLN C 128 15.13 10.66 -21.54
C GLN C 128 13.72 10.61 -20.98
N TRP C 129 13.26 11.73 -20.45
CA TRP C 129 11.91 11.85 -19.88
C TRP C 129 10.82 11.58 -20.92
N ASP C 130 10.86 12.34 -22.02
CA ASP C 130 9.78 12.28 -23.01
C ASP C 130 9.68 10.88 -23.60
N THR C 131 10.80 10.21 -23.78
CA THR C 131 10.80 8.86 -24.33
CA THR C 131 10.74 8.86 -24.35
C THR C 131 10.12 7.87 -23.38
N VAL C 132 10.51 7.90 -22.13
CA VAL C 132 9.97 6.95 -21.15
C VAL C 132 8.48 7.22 -20.85
N ILE C 133 8.13 8.50 -20.62
CA ILE C 133 6.72 8.83 -20.36
C ILE C 133 5.88 8.49 -21.63
N GLY C 134 6.37 8.88 -22.80
CA GLY C 134 5.61 8.69 -24.03
C GLY C 134 5.40 7.25 -24.42
N VAL C 135 6.42 6.40 -24.30
CA VAL C 135 6.23 4.98 -24.66
C VAL C 135 5.42 4.23 -23.59
N ASN C 136 5.91 4.28 -22.35
CA ASN C 136 5.40 3.47 -21.27
C ASN C 136 4.04 3.90 -20.78
N LEU C 137 3.83 5.20 -20.61
CA LEU C 137 2.56 5.66 -20.06
C LEU C 137 1.58 6.02 -21.17
N THR C 138 1.91 7.01 -21.99
CA THR C 138 1.03 7.42 -23.08
C THR C 138 0.80 6.26 -24.06
N GLY C 139 1.88 5.54 -24.41
CA GLY C 139 1.79 4.44 -25.40
C GLY C 139 0.85 3.32 -24.88
N THR C 140 0.96 3.02 -23.59
CA THR C 140 0.05 2.02 -22.99
C THR C 140 -1.40 2.49 -23.03
N TRP C 141 -1.60 3.76 -22.69
CA TRP C 141 -2.96 4.39 -22.79
C TRP C 141 -3.50 4.28 -24.21
N ARG C 142 -2.67 4.62 -25.22
CA ARG C 142 -3.11 4.53 -26.63
C ARG C 142 -3.48 3.08 -27.00
N THR C 143 -2.71 2.13 -26.48
CA THR C 143 -2.98 0.70 -26.69
C THR C 143 -4.34 0.32 -26.11
N LEU C 144 -4.61 0.76 -24.87
CA LEU C 144 -5.88 0.48 -24.20
C LEU C 144 -7.03 1.17 -24.92
N ARG C 145 -6.86 2.45 -25.27
CA ARG C 145 -7.92 3.16 -26.01
C ARG C 145 -8.26 2.54 -27.37
N ALA C 146 -7.23 2.02 -28.04
CA ALA C 146 -7.42 1.36 -29.34
C ALA C 146 -8.09 -0.01 -29.29
N THR C 147 -7.88 -0.75 -28.18
CA THR C 147 -8.37 -2.14 -28.06
C THR C 147 -9.66 -2.34 -27.26
N VAL C 148 -9.86 -1.53 -26.22
CA VAL C 148 -11.02 -1.69 -25.33
C VAL C 148 -12.38 -1.64 -26.09
N PRO C 149 -12.58 -0.66 -27.00
CA PRO C 149 -13.88 -0.71 -27.69
C PRO C 149 -14.12 -1.99 -28.53
N ALA C 150 -13.10 -2.54 -29.16
CA ALA C 150 -13.26 -3.84 -29.88
C ALA C 150 -13.66 -4.95 -28.91
N MET C 151 -13.04 -4.96 -27.74
CA MET C 151 -13.35 -5.98 -26.75
C MET C 151 -14.78 -5.87 -26.25
N ILE C 152 -15.25 -4.64 -26.06
CA ILE C 152 -16.64 -4.40 -25.68
C ILE C 152 -17.59 -4.85 -26.79
N GLU C 153 -17.29 -4.46 -28.03
CA GLU C 153 -18.13 -4.77 -29.19
C GLU C 153 -18.25 -6.28 -29.43
N ALA C 154 -17.15 -7.01 -29.27
CA ALA C 154 -17.17 -8.47 -29.40
C ALA C 154 -18.14 -9.13 -28.42
N GLY C 155 -18.34 -8.53 -27.24
CA GLY C 155 -19.36 -9.03 -26.31
C GLY C 155 -19.08 -10.32 -25.56
N ASN C 156 -17.81 -10.71 -25.49
CA ASN C 156 -17.42 -11.91 -24.76
C ASN C 156 -16.72 -11.63 -23.43
N GLY C 157 -16.70 -10.36 -23.02
CA GLY C 157 -15.93 -9.98 -21.85
C GLY C 157 -14.45 -10.10 -22.20
N GLY C 158 -13.60 -10.22 -21.19
CA GLY C 158 -12.17 -10.42 -21.49
C GLY C 158 -11.25 -10.12 -20.34
N SER C 159 -9.94 -10.12 -20.63
CA SER C 159 -8.95 -9.91 -19.60
C SER C 159 -7.81 -9.07 -20.16
N ILE C 160 -7.52 -7.96 -19.46
CA ILE C 160 -6.44 -7.06 -19.87
C ILE C 160 -5.31 -7.12 -18.83
N VAL C 161 -4.07 -7.32 -19.30
CA VAL C 161 -2.90 -7.37 -18.45
C VAL C 161 -2.01 -6.18 -18.81
N VAL C 162 -1.79 -5.31 -17.83
CA VAL C 162 -0.90 -4.16 -18.05
C VAL C 162 0.44 -4.53 -17.41
N VAL C 163 1.53 -4.41 -18.18
CA VAL C 163 2.86 -4.71 -17.66
C VAL C 163 3.48 -3.45 -17.07
N SER C 164 3.48 -3.39 -15.74
CA SER C 164 4.04 -2.29 -14.98
C SER C 164 5.44 -2.75 -14.61
N SER C 165 5.84 -2.61 -13.35
CA SER C 165 7.15 -3.10 -12.88
C SER C 165 7.07 -3.12 -11.39
N SER C 166 7.96 -3.84 -10.71
CA SER C 166 8.17 -3.57 -9.29
C SER C 166 8.36 -2.05 -9.00
N ALA C 167 9.02 -1.32 -9.93
CA ALA C 167 9.15 0.15 -9.76
C ALA C 167 7.83 0.94 -9.95
N GLY C 168 6.76 0.27 -10.36
CA GLY C 168 5.42 0.87 -10.37
C GLY C 168 4.68 0.69 -9.03
N LEU C 169 5.29 -0.02 -8.09
CA LEU C 169 4.78 -0.17 -6.71
C LEU C 169 5.72 0.48 -5.69
N LYS C 170 7.03 0.34 -5.90
CA LYS C 170 8.01 0.97 -5.00
C LYS C 170 9.01 1.68 -5.91
N ALA C 171 8.95 3.01 -5.96
CA ALA C 171 9.82 3.78 -6.86
C ALA C 171 11.31 3.58 -6.49
N THR C 172 12.16 3.57 -7.52
CA THR C 172 13.58 3.30 -7.32
C THR C 172 14.47 4.52 -7.70
N PRO C 173 15.67 4.62 -7.09
CA PRO C 173 16.57 5.75 -7.40
C PRO C 173 17.23 5.52 -8.75
N GLY C 174 17.56 6.60 -9.46
CA GLY C 174 18.26 6.49 -10.78
C GLY C 174 17.32 6.35 -11.98
N ASN C 175 16.01 6.20 -11.73
CA ASN C 175 15.03 6.04 -12.81
C ASN C 175 13.61 6.54 -12.40
N GLY C 176 13.57 7.74 -11.84
CA GLY C 176 12.30 8.41 -11.45
C GLY C 176 11.27 8.52 -12.58
N HIS C 177 11.73 8.77 -13.80
CA HIS C 177 10.86 8.81 -14.97
C HIS C 177 10.26 7.44 -15.26
N TYR C 178 11.09 6.42 -15.19
CA TYR C 178 10.57 5.06 -15.40
C TYR C 178 9.58 4.68 -14.30
N SER C 179 9.99 4.89 -13.03
CA SER C 179 9.13 4.62 -11.88
C SER C 179 7.82 5.39 -11.98
N ALA C 180 7.88 6.68 -12.34
CA ALA C 180 6.64 7.45 -12.58
C ALA C 180 5.73 6.81 -13.66
N SER C 181 6.33 6.51 -14.82
CA SER C 181 5.58 5.89 -15.92
C SER C 181 4.87 4.61 -15.42
N LYS C 182 5.57 3.78 -14.64
CA LYS C 182 5.03 2.48 -14.20
C LYS C 182 4.02 2.59 -13.06
N HIS C 183 4.21 3.57 -12.15
CA HIS C 183 3.15 3.93 -11.17
C HIS C 183 1.89 4.43 -11.90
N GLY C 184 2.08 5.28 -12.89
CA GLY C 184 0.97 5.70 -13.75
C GLY C 184 0.19 4.53 -14.36
N LEU C 185 0.89 3.47 -14.73
CA LEU C 185 0.26 2.25 -15.26
C LEU C 185 -0.55 1.55 -14.17
N THR C 186 -0.04 1.54 -12.94
CA THR C 186 -0.82 0.98 -11.79
C THR C 186 -2.17 1.68 -11.70
N ALA C 187 -2.15 3.00 -11.80
CA ALA C 187 -3.38 3.79 -11.70
C ALA C 187 -4.31 3.52 -12.89
N LEU C 188 -3.75 3.46 -14.09
CA LEU C 188 -4.57 3.17 -15.27
C LEU C 188 -5.27 1.83 -15.13
N THR C 189 -4.53 0.85 -14.63
CA THR C 189 -5.09 -0.50 -14.41
C THR C 189 -6.27 -0.41 -13.48
N ASN C 190 -6.12 0.36 -12.41
CA ASN C 190 -7.19 0.36 -11.39
C ASN C 190 -8.42 1.18 -11.80
N THR C 191 -8.19 2.32 -12.42
CA THR C 191 -9.30 3.12 -13.01
C THR C 191 -10.02 2.26 -14.03
N LEU C 192 -9.25 1.63 -14.94
CA LEU C 192 -9.91 0.80 -16.00
C LEU C 192 -10.69 -0.40 -15.44
N ALA C 193 -10.12 -1.07 -14.42
CA ALA C 193 -10.85 -2.15 -13.73
C ALA C 193 -12.24 -1.72 -13.28
N ILE C 194 -12.33 -0.55 -12.64
CA ILE C 194 -13.60 0.00 -12.18
C ILE C 194 -14.52 0.31 -13.36
N GLU C 195 -13.99 0.99 -14.36
CA GLU C 195 -14.81 1.41 -15.50
C GLU C 195 -15.26 0.23 -16.36
N LEU C 196 -14.47 -0.83 -16.44
CA LEU C 196 -14.85 -1.98 -17.29
C LEU C 196 -15.62 -3.10 -16.57
N GLY C 197 -15.74 -3.01 -15.24
CA GLY C 197 -16.43 -4.07 -14.48
C GLY C 197 -17.81 -4.40 -15.03
N GLU C 198 -18.56 -3.38 -15.39
CA GLU C 198 -19.91 -3.55 -15.91
C GLU C 198 -19.91 -4.23 -17.29
N TYR C 199 -18.77 -4.24 -17.98
CA TYR C 199 -18.67 -4.91 -19.29
C TYR C 199 -18.12 -6.34 -19.23
N GLY C 200 -17.87 -6.84 -18.03
CA GLY C 200 -17.35 -8.19 -17.81
C GLY C 200 -15.88 -8.35 -18.20
N ILE C 201 -15.12 -7.24 -18.20
CA ILE C 201 -13.71 -7.24 -18.59
C ILE C 201 -12.87 -6.95 -17.35
N ARG C 202 -11.95 -7.85 -17.06
CA ARG C 202 -11.07 -7.73 -15.92
C ARG C 202 -9.79 -7.04 -16.35
N VAL C 203 -9.21 -6.25 -15.45
CA VAL C 203 -7.98 -5.53 -15.77
C VAL C 203 -7.05 -5.70 -14.58
N ASN C 204 -5.83 -6.20 -14.81
CA ASN C 204 -4.90 -6.48 -13.73
C ASN C 204 -3.52 -6.06 -14.21
N SER C 205 -2.58 -5.86 -13.30
CA SER C 205 -1.23 -5.45 -13.71
C SER C 205 -0.20 -6.40 -13.10
N ILE C 206 0.90 -6.63 -13.81
CA ILE C 206 2.00 -7.43 -13.26
C ILE C 206 3.17 -6.53 -13.01
N HIS C 207 3.99 -6.88 -12.01
CA HIS C 207 5.09 -6.03 -11.57
C HIS C 207 6.36 -6.89 -11.48
N PRO C 208 6.99 -7.15 -12.64
CA PRO C 208 8.19 -8.00 -12.65
C PRO C 208 9.44 -7.34 -12.09
N TYR C 209 10.43 -8.17 -11.80
CA TYR C 209 11.72 -7.73 -11.33
C TYR C 209 12.73 -8.76 -11.84
N SER C 210 13.90 -8.26 -12.27
CA SER C 210 15.06 -9.11 -12.63
C SER C 210 14.71 -10.14 -13.70
N VAL C 211 14.12 -9.68 -14.80
CA VAL C 211 13.76 -10.65 -15.85
C VAL C 211 14.87 -10.59 -16.90
N GLU C 212 15.36 -11.75 -17.32
CA GLU C 212 16.52 -11.83 -18.23
C GLU C 212 16.14 -11.51 -19.67
N THR C 213 16.26 -10.22 -20.00
CA THR C 213 16.01 -9.70 -21.35
C THR C 213 17.04 -8.58 -21.57
N PRO C 214 17.18 -8.11 -22.83
CA PRO C 214 18.13 -7.06 -23.09
C PRO C 214 17.88 -5.75 -22.32
N MET C 215 16.67 -5.54 -21.79
CA MET C 215 16.41 -4.30 -21.07
C MET C 215 17.31 -4.17 -19.85
N ILE C 216 17.75 -5.30 -19.30
CA ILE C 216 18.64 -5.23 -18.15
C ILE C 216 20.11 -5.55 -18.40
N GLU C 217 20.58 -5.46 -19.64
CA GLU C 217 22.04 -5.39 -19.89
C GLU C 217 22.68 -4.54 -18.75
N PRO C 218 23.72 -5.08 -18.07
CA PRO C 218 24.14 -4.64 -16.72
C PRO C 218 24.98 -3.37 -16.57
N GLU C 219 25.54 -2.84 -17.66
CA GLU C 219 26.52 -1.76 -17.53
C GLU C 219 25.91 -0.44 -17.02
N ALA C 220 24.67 -0.15 -17.46
CA ALA C 220 23.98 1.07 -17.02
C ALA C 220 23.86 1.06 -15.49
N MET C 221 23.42 -0.07 -14.94
CA MET C 221 23.25 -0.22 -13.49
C MET C 221 24.57 -0.22 -12.71
N MET C 222 25.58 -0.88 -13.25
CA MET C 222 26.95 -0.83 -12.75
CA MET C 222 26.88 -0.80 -12.61
C MET C 222 27.40 0.64 -12.61
N GLU C 223 27.11 1.43 -13.66
CA GLU C 223 27.55 2.83 -13.64
C GLU C 223 26.82 3.65 -12.56
N ILE C 224 25.50 3.48 -12.51
CA ILE C 224 24.66 4.11 -11.51
C ILE C 224 25.14 3.82 -10.09
N PHE C 225 25.40 2.56 -9.77
CA PHE C 225 25.90 2.18 -8.45
C PHE C 225 27.30 2.71 -8.17
N ALA C 226 28.14 2.77 -9.21
CA ALA C 226 29.50 3.25 -9.04
C ALA C 226 29.46 4.71 -8.65
N ARG C 227 28.52 5.46 -9.24
CA ARG C 227 28.39 6.89 -8.93
C ARG C 227 27.62 7.16 -7.63
N HIS C 228 26.63 6.33 -7.35
CA HIS C 228 25.77 6.54 -6.21
C HIS C 228 25.59 5.23 -5.43
N PRO C 229 26.60 4.87 -4.62
CA PRO C 229 26.71 3.57 -3.93
C PRO C 229 25.49 3.22 -3.08
N SER C 230 24.83 4.24 -2.53
CA SER C 230 23.69 4.05 -1.64
C SER C 230 22.45 3.51 -2.35
N PHE C 231 22.42 3.63 -3.67
CA PHE C 231 21.29 3.18 -4.48
C PHE C 231 21.14 1.64 -4.47
N VAL C 232 22.18 0.89 -4.09
CA VAL C 232 22.12 -0.57 -4.11
C VAL C 232 21.04 -1.13 -3.18
N HIS C 233 20.77 -0.40 -2.08
CA HIS C 233 19.72 -0.80 -1.13
C HIS C 233 18.33 -0.96 -1.75
N SER C 234 18.06 -0.29 -2.87
CA SER C 234 16.78 -0.45 -3.57
C SER C 234 16.68 -1.68 -4.48
N PHE C 235 17.77 -2.47 -4.58
CA PHE C 235 17.81 -3.58 -5.54
C PHE C 235 18.26 -4.90 -4.90
N PRO C 236 17.44 -5.45 -3.98
CA PRO C 236 17.90 -6.63 -3.24
C PRO C 236 17.76 -7.95 -4.04
N PRO C 237 18.32 -9.05 -3.49
CA PRO C 237 18.08 -10.36 -4.12
C PRO C 237 16.61 -10.80 -3.98
N MET C 238 16.21 -11.78 -4.78
CA MET C 238 14.91 -12.43 -4.66
C MET C 238 15.04 -13.54 -3.61
N PRO C 239 14.26 -13.47 -2.51
CA PRO C 239 14.31 -14.50 -1.45
C PRO C 239 14.23 -15.95 -1.96
N VAL C 240 13.37 -16.26 -2.95
CA VAL C 240 13.24 -17.65 -3.42
C VAL C 240 14.10 -17.95 -4.64
N GLN C 241 14.88 -16.97 -5.10
CA GLN C 241 15.93 -17.20 -6.10
C GLN C 241 17.04 -16.16 -5.90
N PRO C 242 17.84 -16.34 -4.83
CA PRO C 242 18.80 -15.31 -4.41
C PRO C 242 19.99 -15.12 -5.37
N ASN C 243 20.13 -16.00 -6.35
CA ASN C 243 21.15 -15.85 -7.38
C ASN C 243 20.51 -15.76 -8.77
N GLY C 244 20.88 -14.73 -9.52
CA GLY C 244 20.55 -14.66 -10.94
C GLY C 244 19.17 -14.11 -11.25
N PHE C 245 18.65 -14.49 -12.41
CA PHE C 245 17.48 -13.85 -12.97
C PHE C 245 16.36 -14.85 -13.25
N MET C 246 15.14 -14.34 -13.16
CA MET C 246 13.93 -14.94 -13.66
C MET C 246 13.93 -14.96 -15.20
N THR C 247 13.23 -15.92 -15.81
CA THR C 247 13.14 -15.94 -17.26
C THR C 247 11.86 -15.31 -17.77
N ALA C 248 11.88 -14.88 -19.04
CA ALA C 248 10.70 -14.36 -19.68
C ALA C 248 9.55 -15.41 -19.73
N ASP C 249 9.90 -16.70 -19.92
CA ASP C 249 8.86 -17.76 -19.93
C ASP C 249 8.20 -17.91 -18.54
N GLU C 250 8.95 -17.66 -17.46
CA GLU C 250 8.40 -17.71 -16.10
C GLU C 250 7.35 -16.61 -15.90
N VAL C 251 7.63 -15.42 -16.45
CA VAL C 251 6.65 -14.32 -16.41
C VAL C 251 5.38 -14.72 -17.17
N ALA C 252 5.53 -15.41 -18.28
CA ALA C 252 4.38 -15.81 -19.11
C ALA C 252 3.44 -16.80 -18.40
N ASP C 253 3.93 -17.55 -17.41
CA ASP C 253 3.05 -18.36 -16.55
C ASP C 253 1.98 -17.49 -15.87
N VAL C 254 2.38 -16.34 -15.32
CA VAL C 254 1.44 -15.47 -14.65
C VAL C 254 0.47 -14.81 -15.63
N VAL C 255 0.99 -14.39 -16.77
CA VAL C 255 0.18 -13.74 -17.80
C VAL C 255 -0.88 -14.72 -18.31
N ALA C 256 -0.45 -15.95 -18.57
CA ALA C 256 -1.37 -17.01 -18.97
C ALA C 256 -2.53 -17.24 -17.99
N TRP C 257 -2.23 -17.25 -16.70
CA TRP C 257 -3.28 -17.45 -15.68
C TRP C 257 -4.21 -16.21 -15.59
N LEU C 258 -3.66 -15.00 -15.65
CA LEU C 258 -4.51 -13.80 -15.65
C LEU C 258 -5.42 -13.70 -16.91
N ALA C 259 -4.90 -14.18 -18.04
CA ALA C 259 -5.59 -14.11 -19.36
C ALA C 259 -6.84 -14.97 -19.34
N GLY C 260 -6.79 -16.05 -18.55
CA GLY C 260 -7.84 -17.07 -18.63
C GLY C 260 -8.76 -17.11 -17.42
N ASP C 261 -9.69 -18.06 -17.43
CA ASP C 261 -10.80 -18.00 -16.48
C ASP C 261 -10.44 -18.40 -15.05
N GLY C 262 -9.29 -19.05 -14.87
CA GLY C 262 -8.84 -19.45 -13.53
C GLY C 262 -8.70 -18.26 -12.61
N SER C 263 -8.49 -17.07 -13.22
CA SER C 263 -8.32 -15.84 -12.44
C SER C 263 -9.58 -14.93 -12.45
N GLY C 264 -10.73 -15.54 -12.66
CA GLY C 264 -12.01 -14.80 -12.75
C GLY C 264 -12.38 -13.96 -11.54
N THR C 265 -11.81 -14.25 -10.37
CA THR C 265 -12.11 -13.43 -9.20
C THR C 265 -11.23 -12.17 -9.09
N LEU C 266 -10.25 -12.04 -9.98
CA LEU C 266 -9.30 -10.92 -9.89
C LEU C 266 -9.55 -9.83 -10.91
N THR C 267 -9.77 -8.62 -10.42
CA THR C 267 -9.70 -7.44 -11.22
C THR C 267 -9.17 -6.31 -10.33
N GLY C 268 -8.38 -5.40 -10.93
CA GLY C 268 -7.75 -4.32 -10.16
C GLY C 268 -6.64 -4.78 -9.26
N THR C 269 -6.06 -5.95 -9.52
CA THR C 269 -5.01 -6.43 -8.63
C THR C 269 -3.64 -6.12 -9.23
N GLN C 270 -2.71 -5.82 -8.33
CA GLN C 270 -1.31 -5.59 -8.71
C GLN C 270 -0.53 -6.83 -8.30
N ILE C 271 -0.07 -7.63 -9.28
CA ILE C 271 0.63 -8.86 -8.96
C ILE C 271 2.16 -8.68 -9.08
N PRO C 272 2.89 -8.71 -7.96
CA PRO C 272 4.35 -8.69 -8.08
C PRO C 272 4.85 -10.03 -8.62
N VAL C 273 5.74 -9.93 -9.60
CA VAL C 273 6.33 -11.11 -10.21
C VAL C 273 7.83 -10.97 -9.93
N ASP C 274 8.20 -11.25 -8.68
CA ASP C 274 9.51 -10.80 -8.22
C ASP C 274 10.18 -11.83 -7.33
N LYS C 275 9.57 -13.02 -7.20
CA LYS C 275 10.10 -14.08 -6.33
C LYS C 275 10.44 -13.52 -4.94
N GLY C 276 9.68 -12.50 -4.53
CA GLY C 276 9.74 -12.00 -3.15
C GLY C 276 10.57 -10.76 -2.88
N ALA C 277 11.20 -10.20 -3.91
CA ALA C 277 12.11 -9.09 -3.69
C ALA C 277 11.48 -7.87 -3.01
N LEU C 278 10.20 -7.59 -3.33
CA LEU C 278 9.51 -6.44 -2.72
C LEU C 278 9.28 -6.55 -1.21
N LYS C 279 9.50 -7.75 -0.64
CA LYS C 279 9.33 -7.95 0.80
C LYS C 279 10.50 -7.37 1.60
N TYR C 280 11.67 -7.28 0.98
CA TYR C 280 12.83 -6.73 1.69
C TYR C 280 12.72 -5.24 1.98
N GLY D 11 0.64 27.56 24.30
CA GLY D 11 1.11 26.38 23.49
C GLY D 11 -0.07 25.70 22.84
N SER D 12 0.21 24.80 21.90
CA SER D 12 -0.85 24.21 21.06
C SER D 12 -1.85 23.35 21.84
N LEU D 13 -1.44 22.86 23.01
CA LEU D 13 -2.33 21.97 23.76
C LEU D 13 -2.72 22.54 25.11
N GLN D 14 -2.64 23.86 25.22
CA GLN D 14 -2.99 24.55 26.48
C GLN D 14 -4.35 24.13 27.02
N GLY D 15 -4.37 23.72 28.28
CA GLY D 15 -5.62 23.39 28.96
C GLY D 15 -6.22 22.04 28.60
N ARG D 16 -5.48 21.28 27.80
CA ARG D 16 -5.86 19.91 27.41
C ARG D 16 -5.16 18.84 28.29
N VAL D 17 -5.57 17.58 28.11
CA VAL D 17 -5.08 16.44 28.88
C VAL D 17 -4.70 15.29 27.94
N ALA D 18 -3.55 14.66 28.20
CA ALA D 18 -3.05 13.55 27.39
C ALA D 18 -2.74 12.38 28.29
N PHE D 19 -3.08 11.19 27.79
CA PHE D 19 -2.86 9.95 28.48
C PHE D 19 -1.83 9.14 27.67
N ILE D 20 -0.72 8.73 28.31
CA ILE D 20 0.41 8.12 27.59
C ILE D 20 0.81 6.82 28.26
N THR D 21 0.89 5.72 27.51
CA THR D 21 1.36 4.46 28.07
C THR D 21 2.82 4.24 27.72
N GLY D 22 3.51 3.41 28.49
CA GLY D 22 4.94 3.17 28.23
C GLY D 22 5.76 4.43 28.44
N ALA D 23 5.37 5.26 29.40
CA ALA D 23 5.92 6.61 29.58
C ALA D 23 7.15 6.67 30.52
N ALA D 24 7.60 5.52 31.02
CA ALA D 24 8.74 5.47 31.95
C ALA D 24 10.03 6.03 31.33
N ARG D 25 10.21 5.79 30.03
CA ARG D 25 11.48 6.09 29.33
C ARG D 25 11.28 6.08 27.80
N GLY D 26 12.38 6.23 27.06
CA GLY D 26 12.36 6.11 25.62
C GLY D 26 11.34 7.03 25.01
N GLN D 27 10.67 6.54 23.98
CA GLN D 27 9.71 7.38 23.24
C GLN D 27 8.59 7.91 24.10
N GLY D 28 8.05 7.06 24.99
CA GLY D 28 6.93 7.45 25.86
C GLY D 28 7.25 8.61 26.79
N ARG D 29 8.42 8.61 27.41
CA ARG D 29 8.87 9.77 28.18
C ARG D 29 8.96 11.00 27.28
N SER D 30 9.54 10.84 26.10
CA SER D 30 9.66 11.99 25.20
C SER D 30 8.29 12.60 24.87
N HIS D 31 7.30 11.76 24.59
CA HIS D 31 5.93 12.22 24.33
C HIS D 31 5.33 12.97 25.55
N ALA D 32 5.46 12.41 26.75
CA ALA D 32 4.91 13.03 27.98
C ALA D 32 5.51 14.43 28.23
N VAL D 33 6.83 14.54 28.14
CA VAL D 33 7.49 15.81 28.35
C VAL D 33 7.15 16.79 27.23
N ARG D 34 7.14 16.31 25.97
CA ARG D 34 6.79 17.24 24.87
C ARG D 34 5.33 17.74 24.97
N LEU D 35 4.39 16.83 25.22
CA LEU D 35 3.00 17.23 25.28
C LEU D 35 2.78 18.18 26.48
N ALA D 36 3.45 17.91 27.60
CA ALA D 36 3.50 18.88 28.71
C ALA D 36 4.04 20.26 28.26
N ALA D 37 5.13 20.26 27.49
CA ALA D 37 5.69 21.53 27.01
C ALA D 37 4.71 22.32 26.13
N GLU D 38 3.86 21.59 25.41
CA GLU D 38 2.81 22.20 24.61
C GLU D 38 1.62 22.65 25.42
N GLY D 39 1.63 22.36 26.72
CA GLY D 39 0.58 22.84 27.63
C GLY D 39 -0.39 21.79 28.16
N ALA D 40 -0.22 20.51 27.77
CA ALA D 40 -1.11 19.48 28.32
C ALA D 40 -0.69 18.96 29.72
N ASP D 41 -1.65 18.80 30.63
CA ASP D 41 -1.46 18.00 31.84
C ASP D 41 -1.44 16.51 31.44
N ILE D 42 -0.73 15.71 32.23
CA ILE D 42 -0.36 14.35 31.81
C ILE D 42 -0.89 13.27 32.74
N ILE D 43 -1.51 12.23 32.15
CA ILE D 43 -1.73 10.95 32.82
C ILE D 43 -0.76 9.97 32.17
N ALA D 44 0.08 9.33 32.97
CA ALA D 44 1.13 8.52 32.38
C ALA D 44 1.31 7.23 33.18
N CYS D 45 1.56 6.13 32.47
CA CYS D 45 1.70 4.87 33.13
C CYS D 45 2.69 3.96 32.43
N ASP D 46 3.19 2.97 33.17
CA ASP D 46 4.26 2.08 32.69
C ASP D 46 4.34 0.91 33.63
N ILE D 47 4.72 -0.26 33.09
CA ILE D 47 4.83 -1.46 33.92
C ILE D 47 6.04 -1.38 34.86
N CYS D 48 7.08 -0.61 34.49
CA CYS D 48 8.24 -0.39 35.38
C CYS D 48 8.82 -1.70 35.96
N ALA D 49 8.82 -2.76 35.13
CA ALA D 49 9.29 -4.07 35.55
C ALA D 49 9.56 -4.91 34.30
N PRO D 50 10.33 -6.02 34.43
CA PRO D 50 10.49 -6.93 33.29
C PRO D 50 9.17 -7.52 32.94
N VAL D 51 8.90 -7.64 31.65
CA VAL D 51 7.63 -8.17 31.20
C VAL D 51 7.73 -9.70 31.07
N SER D 52 8.89 -10.18 30.66
CA SER D 52 9.06 -11.57 30.30
C SER D 52 10.52 -11.85 30.13
N ALA D 53 10.90 -13.07 30.53
CA ALA D 53 12.19 -13.66 30.18
C ALA D 53 12.49 -13.55 28.68
N SER D 54 11.43 -13.59 27.85
CA SER D 54 11.56 -13.54 26.41
C SER D 54 11.98 -12.17 25.87
N VAL D 55 11.80 -11.14 26.70
CA VAL D 55 12.22 -9.78 26.36
C VAL D 55 13.57 -9.55 27.02
N THR D 56 14.65 -9.56 26.23
CA THR D 56 15.99 -9.76 26.80
C THR D 56 16.76 -8.48 27.09
N TYR D 57 16.24 -7.33 26.67
CA TYR D 57 16.93 -6.07 26.95
C TYR D 57 16.47 -5.57 28.32
N ALA D 58 17.17 -4.56 28.84
CA ALA D 58 16.89 -4.01 30.19
C ALA D 58 15.46 -3.48 30.34
N PRO D 59 14.79 -3.85 31.44
CA PRO D 59 13.46 -3.33 31.74
C PRO D 59 13.47 -1.88 32.26
N ALA D 60 12.32 -1.22 32.20
CA ALA D 60 12.16 0.10 32.80
C ALA D 60 12.06 -0.06 34.32
N SER D 61 12.35 0.99 35.08
CA SER D 61 12.25 0.96 36.54
C SER D 61 11.16 1.93 37.04
N PRO D 62 10.70 1.74 38.30
CA PRO D 62 9.78 2.73 38.84
C PRO D 62 10.41 4.10 38.88
N GLU D 63 11.73 4.13 39.09
CA GLU D 63 12.50 5.36 39.16
C GLU D 63 12.44 6.08 37.82
N ASP D 64 12.44 5.31 36.72
CA ASP D 64 12.34 5.90 35.37
C ASP D 64 11.05 6.71 35.26
N LEU D 65 9.94 6.11 35.70
CA LEU D 65 8.65 6.79 35.64
C LEU D 65 8.60 8.02 36.55
N ASP D 66 9.21 7.97 37.73
CA ASP D 66 9.28 9.17 38.59
C ASP D 66 10.07 10.30 37.94
N GLU D 67 11.09 9.99 37.15
CA GLU D 67 11.88 10.99 36.41
C GLU D 67 10.99 11.65 35.34
N THR D 68 10.18 10.83 34.67
CA THR D 68 9.24 11.39 33.69
C THR D 68 8.29 12.39 34.33
N ALA D 69 7.70 12.00 35.45
CA ALA D 69 6.83 12.89 36.22
C ALA D 69 7.53 14.22 36.58
N ARG D 70 8.77 14.16 37.08
CA ARG D 70 9.53 15.40 37.37
C ARG D 70 9.72 16.21 36.11
N LEU D 71 10.03 15.54 34.99
CA LEU D 71 10.28 16.29 33.74
C LEU D 71 9.02 16.99 33.23
N VAL D 72 7.87 16.37 33.46
CA VAL D 72 6.59 17.00 33.17
C VAL D 72 6.35 18.22 34.09
N GLU D 73 6.58 18.03 35.38
CA GLU D 73 6.38 19.12 36.34
C GLU D 73 7.32 20.28 36.09
N ASP D 74 8.53 20.00 35.57
CA ASP D 74 9.49 21.05 35.18
C ASP D 74 8.94 21.94 34.05
N GLN D 75 8.03 21.37 33.25
CA GLN D 75 7.35 22.13 32.19
C GLN D 75 6.23 22.99 32.74
N GLY D 76 6.02 22.90 34.06
CA GLY D 76 5.00 23.67 34.76
C GLY D 76 3.63 23.05 34.70
N ARG D 77 3.57 21.76 34.36
CA ARG D 77 2.31 21.07 34.21
C ARG D 77 2.17 20.01 35.31
N LYS D 78 0.96 19.46 35.45
CA LYS D 78 0.71 18.43 36.44
C LYS D 78 0.86 17.04 35.80
N ALA D 79 1.32 16.08 36.62
CA ALA D 79 1.48 14.68 36.20
C ALA D 79 0.83 13.74 37.19
N LEU D 80 -0.13 12.95 36.71
CA LEU D 80 -0.61 11.80 37.43
C LEU D 80 0.06 10.59 36.80
N THR D 81 0.90 9.90 37.57
CA THR D 81 1.55 8.69 37.07
C THR D 81 1.19 7.46 37.87
N ARG D 82 1.27 6.30 37.23
CA ARG D 82 0.94 5.04 37.91
C ARG D 82 1.67 3.89 37.29
N VAL D 83 2.16 3.01 38.17
CA VAL D 83 2.70 1.73 37.72
C VAL D 83 1.53 0.78 37.41
N LEU D 84 1.47 0.29 36.18
CA LEU D 84 0.43 -0.67 35.81
C LEU D 84 0.83 -1.37 34.51
N ASP D 85 0.19 -2.53 34.26
CA ASP D 85 0.38 -3.32 33.04
C ASP D 85 -0.81 -3.03 32.12
N VAL D 86 -0.55 -2.61 30.87
CA VAL D 86 -1.68 -2.36 29.93
C VAL D 86 -2.52 -3.63 29.65
N ARG D 87 -2.02 -4.81 30.03
CA ARG D 87 -2.77 -6.06 29.88
C ARG D 87 -3.80 -6.22 31.01
N ASP D 88 -3.68 -5.36 32.01
CA ASP D 88 -4.53 -5.41 33.23
C ASP D 88 -5.65 -4.39 33.09
N ASP D 89 -6.82 -4.90 32.73
CA ASP D 89 -7.97 -4.06 32.42
C ASP D 89 -8.49 -3.18 33.56
N ALA D 90 -8.67 -3.78 34.74
CA ALA D 90 -9.10 -3.03 35.92
C ALA D 90 -8.14 -1.88 36.26
N ALA D 91 -6.84 -2.11 36.14
CA ALA D 91 -5.86 -1.04 36.42
C ALA D 91 -6.05 0.12 35.46
N LEU D 92 -6.20 -0.17 34.15
CA LEU D 92 -6.44 0.86 33.16
C LEU D 92 -7.71 1.66 33.46
N ARG D 93 -8.84 0.99 33.71
CA ARG D 93 -10.10 1.69 33.99
C ARG D 93 -9.99 2.61 35.22
N GLU D 94 -9.29 2.13 36.24
CA GLU D 94 -9.10 2.91 37.47
C GLU D 94 -8.21 4.13 37.25
N LEU D 95 -7.16 3.98 36.44
CA LEU D 95 -6.30 5.12 36.12
C LEU D 95 -7.05 6.15 35.29
N VAL D 96 -7.82 5.69 34.31
CA VAL D 96 -8.67 6.58 33.53
C VAL D 96 -9.66 7.34 34.44
N ALA D 97 -10.26 6.62 35.39
CA ALA D 97 -11.28 7.21 36.29
C ALA D 97 -10.65 8.28 37.18
N ASP D 98 -9.52 7.94 37.80
CA ASP D 98 -8.77 8.90 38.63
C ASP D 98 -8.34 10.12 37.81
N GLY D 99 -7.91 9.86 36.58
CA GLY D 99 -7.48 10.92 35.67
C GLY D 99 -8.60 11.90 35.36
N MET D 100 -9.79 11.40 35.07
CA MET D 100 -10.93 12.28 34.76
C MET D 100 -11.38 13.06 36.01
N GLU D 101 -11.33 12.41 37.16
CA GLU D 101 -11.69 13.12 38.40
C GLU D 101 -10.72 14.27 38.66
N GLN D 102 -9.42 14.01 38.47
CA GLN D 102 -8.40 15.02 38.69
C GLN D 102 -8.42 16.12 37.63
N PHE D 103 -8.51 15.75 36.35
CA PHE D 103 -8.33 16.73 35.27
C PHE D 103 -9.60 17.14 34.52
N GLY D 104 -10.65 16.33 34.62
CA GLY D 104 -11.96 16.69 34.04
C GLY D 104 -12.19 16.51 32.54
N ARG D 105 -11.16 16.10 31.80
CA ARG D 105 -11.28 15.97 30.34
C ARG D 105 -10.18 15.04 29.81
N LEU D 106 -10.27 14.68 28.53
CA LEU D 106 -9.26 13.77 27.96
C LEU D 106 -9.20 13.97 26.43
N ASP D 107 -8.09 14.54 25.98
CA ASP D 107 -8.03 15.08 24.61
C ASP D 107 -7.09 14.27 23.72
N VAL D 108 -6.06 13.68 24.34
CA VAL D 108 -5.03 12.99 23.57
C VAL D 108 -4.74 11.66 24.25
N VAL D 109 -4.66 10.60 23.44
CA VAL D 109 -4.19 9.32 23.92
C VAL D 109 -3.02 8.91 23.05
N VAL D 110 -1.92 8.50 23.70
CA VAL D 110 -0.77 7.97 22.97
C VAL D 110 -0.55 6.58 23.46
N ALA D 111 -0.93 5.61 22.62
CA ALA D 111 -0.79 4.21 23.02
C ALA D 111 0.59 3.73 22.56
N ASN D 112 1.52 3.70 23.49
CA ASN D 112 2.97 3.58 23.16
C ASN D 112 3.64 2.34 23.75
N ALA D 113 3.07 1.80 24.82
CA ALA D 113 3.67 0.59 25.46
C ALA D 113 3.90 -0.52 24.46
N GLY D 114 5.10 -1.09 24.50
CA GLY D 114 5.41 -2.20 23.60
C GLY D 114 6.66 -2.94 24.03
N VAL D 115 6.80 -4.16 23.50
CA VAL D 115 7.98 -5.00 23.71
C VAL D 115 8.36 -5.66 22.41
N LEU D 116 9.61 -6.12 22.37
CA LEU D 116 10.19 -6.73 21.18
C LEU D 116 11.01 -7.97 21.59
N SER D 117 10.88 -9.05 20.81
CA SER D 117 11.78 -10.20 20.90
C SER D 117 11.97 -10.78 19.49
N TRP D 118 12.88 -11.75 19.36
CA TRP D 118 13.35 -12.20 18.05
C TRP D 118 13.37 -13.72 17.92
N GLY D 119 12.92 -14.21 16.76
CA GLY D 119 12.99 -15.62 16.42
C GLY D 119 12.26 -15.86 15.10
N ARG D 120 12.73 -16.82 14.31
CA ARG D 120 12.01 -17.21 13.07
C ARG D 120 10.62 -17.77 13.40
N VAL D 121 9.66 -17.61 12.48
CA VAL D 121 8.27 -17.90 12.80
C VAL D 121 8.06 -19.28 13.45
N TRP D 122 8.66 -20.32 12.86
CA TRP D 122 8.42 -21.68 13.33
C TRP D 122 9.36 -22.02 14.49
N GLU D 123 10.23 -21.08 14.88
CA GLU D 123 11.10 -21.28 16.04
C GLU D 123 10.68 -20.48 17.28
N LEU D 124 9.67 -19.61 17.14
CA LEU D 124 9.16 -18.84 18.26
C LEU D 124 8.51 -19.73 19.31
N THR D 125 8.75 -19.41 20.59
CA THR D 125 8.15 -20.14 21.69
C THR D 125 6.78 -19.56 21.99
N ASP D 126 5.98 -20.30 22.76
CA ASP D 126 4.71 -19.77 23.24
C ASP D 126 4.89 -18.49 24.02
N GLU D 127 5.89 -18.47 24.91
CA GLU D 127 6.18 -17.28 25.72
C GLU D 127 6.52 -16.08 24.84
N GLN D 128 7.34 -16.28 23.81
CA GLN D 128 7.67 -15.21 22.88
C GLN D 128 6.44 -14.62 22.23
N TRP D 129 5.62 -15.50 21.66
CA TRP D 129 4.42 -15.11 20.93
C TRP D 129 3.40 -14.42 21.83
N ASP D 130 3.04 -15.11 22.92
CA ASP D 130 1.97 -14.61 23.81
C ASP D 130 2.34 -13.25 24.43
N THR D 131 3.62 -13.05 24.75
CA THR D 131 4.09 -11.79 25.31
C THR D 131 3.94 -10.64 24.29
N VAL D 132 4.43 -10.86 23.08
CA VAL D 132 4.39 -9.81 22.06
C VAL D 132 2.95 -9.48 21.61
N ILE D 133 2.15 -10.51 21.39
CA ILE D 133 0.75 -10.28 20.95
C ILE D 133 -0.04 -9.66 22.14
N GLY D 134 0.19 -10.21 23.33
CA GLY D 134 -0.52 -9.77 24.55
C GLY D 134 -0.27 -8.33 24.90
N VAL D 135 1.01 -7.90 24.89
CA VAL D 135 1.32 -6.51 25.20
C VAL D 135 0.98 -5.59 24.02
N ASN D 136 1.53 -5.91 22.85
CA ASN D 136 1.49 -4.97 21.72
C ASN D 136 0.09 -4.85 21.14
N LEU D 137 -0.60 -5.98 21.01
CA LEU D 137 -1.84 -5.92 20.27
C LEU D 137 -2.99 -5.86 21.27
N THR D 138 -3.10 -6.87 22.14
CA THR D 138 -4.15 -6.88 23.11
C THR D 138 -4.04 -5.72 24.10
N GLY D 139 -2.83 -5.39 24.57
CA GLY D 139 -2.68 -4.27 25.54
C GLY D 139 -3.04 -2.92 24.93
N THR D 140 -2.72 -2.73 23.66
CA THR D 140 -3.12 -1.49 22.98
C THR D 140 -4.63 -1.45 22.85
N TRP D 141 -5.24 -2.57 22.45
CA TRP D 141 -6.71 -2.65 22.40
C TRP D 141 -7.33 -2.26 23.76
N ARG D 142 -6.84 -2.87 24.82
CA ARG D 142 -7.37 -2.58 26.15
C ARG D 142 -7.21 -1.09 26.51
N THR D 143 -6.07 -0.51 26.14
CA THR D 143 -5.83 0.92 26.35
C THR D 143 -6.87 1.76 25.63
N LEU D 144 -7.15 1.40 24.37
CA LEU D 144 -8.17 2.13 23.59
C LEU D 144 -9.58 1.95 24.19
N ARG D 145 -9.93 0.72 24.55
CA ARG D 145 -11.26 0.48 25.12
C ARG D 145 -11.44 1.22 26.45
N ALA D 146 -10.37 1.36 27.24
CA ALA D 146 -10.43 2.09 28.54
C ALA D 146 -10.54 3.61 28.40
N THR D 147 -9.91 4.16 27.35
CA THR D 147 -9.81 5.61 27.20
C THR D 147 -10.88 6.24 26.29
N VAL D 148 -11.26 5.53 25.22
CA VAL D 148 -12.19 6.10 24.23
C VAL D 148 -13.52 6.60 24.85
N PRO D 149 -14.15 5.79 25.73
CA PRO D 149 -15.39 6.27 26.36
C PRO D 149 -15.26 7.60 27.12
N ALA D 150 -14.13 7.78 27.82
CA ALA D 150 -13.89 9.00 28.59
C ALA D 150 -13.74 10.17 27.65
N MET D 151 -13.06 9.93 26.52
CA MET D 151 -12.88 10.98 25.50
C MET D 151 -14.22 11.37 24.89
N ILE D 152 -15.05 10.37 24.53
CA ILE D 152 -16.39 10.64 24.03
C ILE D 152 -17.24 11.42 25.06
N GLU D 153 -17.24 10.94 26.30
CA GLU D 153 -18.08 11.55 27.34
C GLU D 153 -17.70 13.03 27.58
N ALA D 154 -16.40 13.33 27.57
CA ALA D 154 -15.91 14.69 27.75
C ALA D 154 -16.43 15.67 26.67
N GLY D 155 -16.60 15.18 25.45
CA GLY D 155 -17.35 15.90 24.44
C GLY D 155 -16.58 17.00 23.73
N ASN D 156 -15.26 16.93 23.79
CA ASN D 156 -14.45 17.95 23.14
C ASN D 156 -13.73 17.43 21.90
N GLY D 157 -14.14 16.27 21.40
CA GLY D 157 -13.31 15.59 20.39
C GLY D 157 -11.95 15.19 20.95
N GLY D 158 -11.01 14.91 20.05
CA GLY D 158 -9.71 14.47 20.52
C GLY D 158 -8.85 13.93 19.42
N SER D 159 -7.68 13.45 19.82
CA SER D 159 -6.73 12.87 18.86
C SER D 159 -6.03 11.68 19.53
N ILE D 160 -6.01 10.54 18.85
CA ILE D 160 -5.44 9.32 19.41
C ILE D 160 -4.33 8.90 18.49
N VAL D 161 -3.16 8.63 19.09
CA VAL D 161 -1.98 8.24 18.34
C VAL D 161 -1.61 6.83 18.73
N VAL D 162 -1.56 5.93 17.76
CA VAL D 162 -1.21 4.53 18.03
C VAL D 162 0.23 4.31 17.59
N VAL D 163 1.08 3.80 18.48
CA VAL D 163 2.47 3.55 18.07
C VAL D 163 2.65 2.13 17.51
N SER D 164 2.75 2.04 16.18
CA SER D 164 2.96 0.77 15.49
C SER D 164 4.47 0.73 15.27
N SER D 165 4.91 0.52 14.05
CA SER D 165 6.33 0.44 13.74
C SER D 165 6.44 0.36 12.24
N SER D 166 7.66 0.59 11.71
CA SER D 166 7.87 0.31 10.29
C SER D 166 7.49 -1.13 9.97
N ALA D 167 7.73 -2.02 10.94
CA ALA D 167 7.34 -3.44 10.82
C ALA D 167 5.84 -3.66 10.82
N GLY D 168 5.07 -2.62 11.17
CA GLY D 168 3.61 -2.62 11.00
C GLY D 168 3.14 -2.23 9.62
N LEU D 169 4.08 -1.84 8.77
CA LEU D 169 3.79 -1.55 7.34
C LEU D 169 4.46 -2.54 6.43
N LYS D 170 5.69 -2.96 6.77
CA LYS D 170 6.47 -3.90 5.93
C LYS D 170 7.03 -4.88 6.92
N ALA D 171 6.45 -6.08 6.97
CA ALA D 171 6.91 -7.09 7.93
C ALA D 171 8.39 -7.44 7.69
N THR D 172 9.07 -7.80 8.78
CA THR D 172 10.50 -8.06 8.77
C THR D 172 10.79 -9.49 9.20
N PRO D 173 11.92 -10.04 8.71
CA PRO D 173 12.24 -11.38 9.13
C PRO D 173 12.84 -11.43 10.51
N GLY D 174 12.64 -12.56 11.19
CA GLY D 174 13.19 -12.73 12.53
C GLY D 174 12.27 -12.20 13.62
N ASN D 175 11.16 -11.56 13.24
CA ASN D 175 10.22 -11.11 14.26
C ASN D 175 8.77 -11.04 13.73
N GLY D 176 8.34 -12.14 13.11
CA GLY D 176 6.97 -12.22 12.55
C GLY D 176 5.89 -11.93 13.58
N HIS D 177 6.15 -12.30 14.83
CA HIS D 177 5.17 -12.06 15.89
C HIS D 177 5.07 -10.54 16.18
N TYR D 178 6.20 -9.85 16.23
CA TYR D 178 6.22 -8.40 16.44
C TYR D 178 5.63 -7.68 15.22
N SER D 179 6.04 -8.10 14.02
CA SER D 179 5.45 -7.56 12.78
C SER D 179 3.92 -7.77 12.70
N ALA D 180 3.46 -8.97 13.03
CA ALA D 180 2.01 -9.24 13.13
C ALA D 180 1.30 -8.33 14.14
N SER D 181 1.86 -8.21 15.36
CA SER D 181 1.25 -7.36 16.40
C SER D 181 1.16 -5.92 15.89
N LYS D 182 2.21 -5.45 15.19
CA LYS D 182 2.23 -4.07 14.72
C LYS D 182 1.37 -3.82 13.48
N HIS D 183 1.25 -4.84 12.62
CA HIS D 183 0.26 -4.73 11.50
C HIS D 183 -1.17 -4.68 12.09
N GLY D 184 -1.37 -5.45 13.15
CA GLY D 184 -2.69 -5.48 13.80
C GLY D 184 -3.04 -4.08 14.32
N LEU D 185 -2.04 -3.36 14.79
CA LEU D 185 -2.19 -1.96 15.24
C LEU D 185 -2.53 -1.02 14.09
N THR D 186 -1.93 -1.23 12.91
CA THR D 186 -2.36 -0.47 11.73
C THR D 186 -3.88 -0.62 11.53
N ALA D 187 -4.35 -1.86 11.65
CA ALA D 187 -5.76 -2.14 11.42
C ALA D 187 -6.65 -1.50 12.47
N LEU D 188 -6.27 -1.62 13.74
CA LEU D 188 -7.01 -0.98 14.84
C LEU D 188 -7.16 0.52 14.64
N THR D 189 -6.06 1.16 14.27
CA THR D 189 -6.04 2.58 14.00
C THR D 189 -7.13 2.96 12.98
N ASN D 190 -7.18 2.20 11.86
CA ASN D 190 -8.02 2.58 10.75
C ASN D 190 -9.47 2.22 11.01
N THR D 191 -9.71 1.05 11.59
CA THR D 191 -11.08 0.75 12.09
C THR D 191 -11.57 1.87 13.02
N LEU D 192 -10.76 2.22 14.00
CA LEU D 192 -11.17 3.19 14.99
C LEU D 192 -11.36 4.55 14.34
N ALA D 193 -10.52 4.92 13.36
CA ALA D 193 -10.69 6.22 12.71
C ALA D 193 -12.08 6.30 12.07
N ILE D 194 -12.52 5.23 11.40
CA ILE D 194 -13.88 5.21 10.81
C ILE D 194 -14.97 5.26 11.90
N GLU D 195 -14.81 4.45 12.95
CA GLU D 195 -15.81 4.40 14.03
C GLU D 195 -15.90 5.70 14.86
N LEU D 196 -14.79 6.44 15.00
CA LEU D 196 -14.80 7.65 15.82
C LEU D 196 -15.03 8.96 15.04
N GLY D 197 -15.08 8.88 13.72
CA GLY D 197 -15.27 10.11 12.90
C GLY D 197 -16.48 10.95 13.34
N GLU D 198 -17.59 10.26 13.56
CA GLU D 198 -18.83 10.90 13.99
C GLU D 198 -18.68 11.61 15.35
N TYR D 199 -17.67 11.21 16.14
CA TYR D 199 -17.41 11.84 17.45
C TYR D 199 -16.40 13.00 17.45
N GLY D 200 -15.89 13.36 16.28
CA GLY D 200 -14.81 14.37 16.22
C GLY D 200 -13.52 13.91 16.85
N ILE D 201 -13.24 12.59 16.84
CA ILE D 201 -12.01 12.05 17.36
C ILE D 201 -11.18 11.49 16.19
N ARG D 202 -9.97 11.98 16.05
CA ARG D 202 -9.07 11.52 14.98
C ARG D 202 -8.18 10.46 15.56
N VAL D 203 -7.81 9.49 14.73
CA VAL D 203 -6.98 8.35 15.14
C VAL D 203 -5.96 8.11 14.04
N ASN D 204 -4.69 8.13 14.40
CA ASN D 204 -3.61 7.99 13.42
C ASN D 204 -2.52 7.13 14.01
N SER D 205 -1.67 6.54 13.18
CA SER D 205 -0.61 5.66 13.68
C SER D 205 0.75 6.17 13.25
N ILE D 206 1.79 6.00 14.09
CA ILE D 206 3.17 6.32 13.67
C ILE D 206 3.94 5.04 13.53
N HIS D 207 4.94 5.05 12.63
CA HIS D 207 5.69 3.84 12.31
C HIS D 207 7.18 4.14 12.34
N PRO D 208 7.77 4.11 13.54
CA PRO D 208 9.16 4.54 13.66
C PRO D 208 10.13 3.44 13.26
N TYR D 209 11.40 3.83 13.11
CA TYR D 209 12.45 2.91 12.73
C TYR D 209 13.73 3.43 13.34
N SER D 210 14.58 2.53 13.85
CA SER D 210 15.91 2.94 14.39
C SER D 210 15.86 4.11 15.38
N VAL D 211 15.05 3.96 16.42
CA VAL D 211 15.01 4.99 17.46
C VAL D 211 15.90 4.52 18.61
N GLU D 212 16.75 5.44 19.10
CA GLU D 212 17.73 5.12 20.12
C GLU D 212 17.13 4.97 21.52
N THR D 213 16.70 3.73 21.82
CA THR D 213 16.13 3.35 23.12
C THR D 213 16.67 1.96 23.50
N PRO D 214 16.48 1.55 24.77
CA PRO D 214 16.90 0.21 25.21
C PRO D 214 16.30 -0.94 24.39
N MET D 215 15.17 -0.70 23.70
CA MET D 215 14.54 -1.74 22.87
C MET D 215 15.42 -2.29 21.75
N ILE D 216 16.29 -1.44 21.21
CA ILE D 216 17.22 -1.87 20.19
C ILE D 216 18.40 -2.52 20.93
N GLU D 217 18.48 -3.85 20.86
CA GLU D 217 19.59 -4.53 21.53
C GLU D 217 20.58 -4.94 20.46
N PRO D 218 21.73 -4.21 20.35
CA PRO D 218 22.69 -4.55 19.31
C PRO D 218 23.02 -6.06 19.31
N GLU D 219 23.14 -6.67 20.49
CA GLU D 219 23.46 -8.10 20.63
C GLU D 219 22.46 -9.07 19.96
N ALA D 220 21.17 -8.78 20.09
CA ALA D 220 20.16 -9.63 19.50
C ALA D 220 20.21 -9.54 17.97
N MET D 221 20.47 -8.34 17.44
CA MET D 221 20.56 -8.14 15.97
C MET D 221 21.74 -8.91 15.40
N MET D 222 22.91 -8.69 16.02
CA MET D 222 24.11 -9.43 15.66
C MET D 222 23.88 -10.93 15.69
N GLU D 223 23.14 -11.43 16.68
CA GLU D 223 22.86 -12.89 16.75
C GLU D 223 22.00 -13.34 15.58
N ILE D 224 21.03 -12.50 15.23
CA ILE D 224 20.12 -12.79 14.11
C ILE D 224 20.85 -12.80 12.79
N PHE D 225 21.68 -11.78 12.53
CA PHE D 225 22.41 -11.73 11.25
C PHE D 225 23.54 -12.75 11.17
N ALA D 226 24.12 -13.06 12.34
CA ALA D 226 25.09 -14.15 12.45
C ALA D 226 24.50 -15.47 11.92
N ARG D 227 23.24 -15.77 12.26
CA ARG D 227 22.64 -17.04 11.84
C ARG D 227 21.98 -16.97 10.45
N HIS D 228 21.44 -15.78 10.11
CA HIS D 228 20.70 -15.61 8.85
C HIS D 228 21.14 -14.33 8.12
N PRO D 229 22.31 -14.39 7.46
CA PRO D 229 22.90 -13.20 6.86
C PRO D 229 21.97 -12.48 5.88
N SER D 230 21.10 -13.21 5.19
CA SER D 230 20.23 -12.57 4.18
C SER D 230 19.22 -11.61 4.79
N PHE D 231 18.94 -11.74 6.08
CA PHE D 231 17.99 -10.86 6.75
C PHE D 231 18.41 -9.40 6.76
N VAL D 232 19.69 -9.10 6.55
CA VAL D 232 20.17 -7.70 6.57
C VAL D 232 19.47 -6.83 5.53
N HIS D 233 19.04 -7.44 4.42
CA HIS D 233 18.34 -6.68 3.37
C HIS D 233 17.04 -6.00 3.81
N SER D 234 16.45 -6.49 4.91
CA SER D 234 15.21 -5.87 5.46
C SER D 234 15.49 -4.65 6.36
N PHE D 235 16.77 -4.36 6.63
CA PHE D 235 17.11 -3.32 7.60
C PHE D 235 18.09 -2.32 7.01
N PRO D 236 17.61 -1.49 6.09
CA PRO D 236 18.53 -0.57 5.40
C PRO D 236 18.86 0.70 6.20
N PRO D 237 19.81 1.50 5.71
CA PRO D 237 20.05 2.80 6.31
C PRO D 237 18.93 3.79 6.01
N MET D 238 18.87 4.85 6.79
CA MET D 238 17.87 5.91 6.60
C MET D 238 18.45 6.92 5.61
N PRO D 239 17.81 7.12 4.46
CA PRO D 239 18.43 7.97 3.42
C PRO D 239 18.80 9.40 3.87
N VAL D 240 18.00 10.02 4.77
CA VAL D 240 18.38 11.36 5.27
C VAL D 240 19.14 11.34 6.59
N GLN D 241 19.37 10.16 7.15
CA GLN D 241 20.36 10.04 8.23
C GLN D 241 21.05 8.68 8.13
N PRO D 242 21.98 8.56 7.16
CA PRO D 242 22.52 7.23 6.82
C PRO D 242 23.41 6.63 7.90
N ASN D 243 23.79 7.43 8.89
CA ASN D 243 24.56 6.90 10.01
C ASN D 243 23.86 7.13 11.36
N GLY D 244 23.84 6.06 12.17
CA GLY D 244 23.33 6.16 13.54
C GLY D 244 21.82 6.06 13.64
N PHE D 245 21.28 6.59 14.74
CA PHE D 245 19.88 6.41 15.10
C PHE D 245 19.22 7.78 15.28
N MET D 246 17.90 7.81 15.08
CA MET D 246 17.13 9.00 15.41
C MET D 246 16.85 8.96 16.90
N THR D 247 16.48 10.08 17.50
CA THR D 247 16.24 10.11 18.96
C THR D 247 14.75 10.06 19.35
N ALA D 248 14.49 9.68 20.60
CA ALA D 248 13.09 9.67 21.09
C ALA D 248 12.46 11.05 20.98
N ASP D 249 13.23 12.12 21.24
CA ASP D 249 12.68 13.49 21.13
C ASP D 249 12.28 13.82 19.69
N GLU D 250 12.98 13.27 18.70
CA GLU D 250 12.64 13.51 17.28
C GLU D 250 11.28 12.87 16.93
N VAL D 251 11.01 11.68 17.46
CA VAL D 251 9.67 11.03 17.31
C VAL D 251 8.56 11.90 17.95
N ALA D 252 8.88 12.51 19.09
CA ALA D 252 7.91 13.31 19.81
C ALA D 252 7.46 14.54 19.02
N ASP D 253 8.30 15.08 18.12
CA ASP D 253 7.86 16.16 17.19
C ASP D 253 6.61 15.72 16.38
N VAL D 254 6.58 14.45 15.94
CA VAL D 254 5.48 13.96 15.11
C VAL D 254 4.23 13.76 15.96
N VAL D 255 4.41 13.18 17.14
CA VAL D 255 3.30 12.95 18.08
C VAL D 255 2.69 14.27 18.54
N ALA D 256 3.53 15.27 18.79
CA ALA D 256 3.03 16.59 19.20
C ALA D 256 2.17 17.20 18.09
N TRP D 257 2.61 17.08 16.86
CA TRP D 257 1.82 17.60 15.71
C TRP D 257 0.46 16.84 15.54
N LEU D 258 0.50 15.53 15.62
CA LEU D 258 -0.72 14.72 15.52
C LEU D 258 -1.69 14.99 16.67
N ALA D 259 -1.14 15.28 17.86
CA ALA D 259 -1.95 15.50 19.04
C ALA D 259 -2.75 16.78 18.89
N GLY D 260 -2.22 17.75 18.13
CA GLY D 260 -2.80 19.11 18.05
C GLY D 260 -3.55 19.40 16.77
N ASP D 261 -4.11 20.62 16.71
CA ASP D 261 -5.09 20.99 15.68
C ASP D 261 -4.49 21.21 14.29
N GLY D 262 -3.15 21.36 14.23
CA GLY D 262 -2.42 21.52 12.95
C GLY D 262 -2.58 20.30 12.05
N SER D 263 -2.95 19.15 12.65
CA SER D 263 -3.19 17.92 11.89
C SER D 263 -4.68 17.57 11.79
N GLY D 264 -5.55 18.58 11.94
CA GLY D 264 -7.00 18.39 11.89
C GLY D 264 -7.54 17.71 10.62
N THR D 265 -6.74 17.71 9.55
CA THR D 265 -7.16 17.05 8.29
C THR D 265 -6.77 15.57 8.22
N LEU D 266 -6.01 15.09 9.21
CA LEU D 266 -5.56 13.68 9.20
C LEU D 266 -6.35 12.79 10.16
N THR D 267 -6.98 11.73 9.64
CA THR D 267 -7.45 10.62 10.48
C THR D 267 -7.30 9.39 9.59
N GLY D 268 -6.98 8.26 10.22
CA GLY D 268 -6.69 7.00 9.54
C GLY D 268 -5.38 6.98 8.79
N THR D 269 -4.45 7.88 9.13
CA THR D 269 -3.17 7.88 8.39
C THR D 269 -2.06 7.09 9.09
N GLN D 270 -1.22 6.48 8.28
CA GLN D 270 -0.05 5.73 8.75
C GLN D 270 1.12 6.62 8.45
N ILE D 271 1.71 7.22 9.48
CA ILE D 271 2.84 8.12 9.26
C ILE D 271 4.20 7.40 9.56
N PRO D 272 5.01 7.13 8.51
CA PRO D 272 6.32 6.51 8.77
C PRO D 272 7.27 7.53 9.40
N VAL D 273 7.93 7.13 10.48
CA VAL D 273 8.87 8.03 11.16
C VAL D 273 10.24 7.33 11.02
N ASP D 274 10.83 7.43 9.83
CA ASP D 274 11.91 6.51 9.46
C ASP D 274 13.01 7.17 8.65
N LYS D 275 12.89 8.48 8.44
CA LYS D 275 13.86 9.26 7.67
C LYS D 275 14.14 8.63 6.33
N GLY D 276 13.10 8.02 5.78
CA GLY D 276 13.15 7.46 4.43
C GLY D 276 13.43 5.99 4.29
N ALA D 277 13.68 5.30 5.39
CA ALA D 277 14.17 3.90 5.28
C ALA D 277 13.20 3.01 4.49
N LEU D 278 11.90 3.19 4.70
CA LEU D 278 10.87 2.38 4.00
C LEU D 278 10.88 2.56 2.48
N LYS D 279 11.58 3.59 1.97
CA LYS D 279 11.63 3.81 0.51
C LYS D 279 12.53 2.84 -0.22
N TYR D 280 13.55 2.32 0.46
CA TYR D 280 14.47 1.34 -0.14
C TYR D 280 13.79 0.00 -0.43
PA NAD E . -7.02 25.44 -8.61
O1A NAD E . -7.34 25.08 -10.05
O2A NAD E . -7.83 26.51 -7.92
O5B NAD E . -5.48 25.80 -8.45
C5B NAD E . -4.55 25.25 -9.37
C4B NAD E . -3.69 26.41 -9.82
O4B NAD E . -2.70 25.86 -10.68
C3B NAD E . -4.49 27.41 -10.66
O3B NAD E . -4.22 28.73 -10.15
C2B NAD E . -3.96 27.21 -12.06
O2B NAD E . -3.97 28.41 -12.84
C1B NAD E . -2.54 26.71 -11.81
N9A NAD E . -2.01 26.00 -12.98
C8A NAD E . -2.69 25.08 -13.72
N7A NAD E . -1.90 24.71 -14.74
C5A NAD E . -0.73 25.38 -14.66
C6A NAD E . 0.46 25.40 -15.42
N6A NAD E . 0.62 24.65 -16.56
N1A NAD E . 1.48 26.21 -15.03
C2A NAD E . 1.36 27.03 -13.96
N3A NAD E . 0.21 27.02 -13.23
C4A NAD E . -0.82 26.20 -13.54
O3 NAD E . -7.15 24.08 -7.79
PN NAD E . -6.47 23.61 -6.42
O1N NAD E . -7.53 22.69 -5.80
O2N NAD E . -5.93 24.82 -5.62
O5D NAD E . -5.27 22.66 -6.96
C5D NAD E . -3.97 22.64 -6.33
C4D NAD E . -3.42 21.21 -6.48
O4D NAD E . -4.25 20.30 -5.71
C3D NAD E . -3.52 20.65 -7.91
O3D NAD E . -2.31 19.97 -8.18
C2D NAD E . -4.65 19.65 -7.90
O2D NAD E . -4.52 18.62 -8.85
C1D NAD E . -4.53 19.11 -6.47
N1N NAD E . -5.68 18.51 -5.82
C2N NAD E . -6.87 19.17 -5.70
C3N NAD E . -7.93 18.62 -4.97
C7N NAD E . -9.26 19.34 -4.82
O7N NAD E . -10.20 18.74 -4.26
N7N NAD E . -9.40 20.59 -5.26
C4N NAD E . -7.75 17.38 -4.36
C5N NAD E . -6.51 16.73 -4.46
C6N NAD E . -5.47 17.30 -5.20
PA NAD F . -16.85 -20.89 7.51
O1A NAD F . -17.15 -20.52 8.93
O2A NAD F . -17.91 -21.59 6.67
O5B NAD F . -15.51 -21.80 7.49
C5B NAD F . -14.48 -21.69 8.46
C4B NAD F . -14.18 -23.07 8.99
O4B NAD F . -13.14 -22.92 9.98
C3B NAD F . -15.38 -23.70 9.71
O3B NAD F . -15.66 -25.01 9.17
C2B NAD F . -14.93 -23.73 11.17
O2B NAD F . -15.49 -24.79 11.98
C1B NAD F . -13.41 -23.77 11.10
N9A NAD F . -12.81 -23.24 12.36
C8A NAD F . -13.15 -22.10 13.01
N7A NAD F . -12.39 -22.02 14.13
C5A NAD F . -11.58 -23.12 14.13
C6A NAD F . -10.61 -23.59 14.99
N6A NAD F . -10.30 -22.88 16.12
N1A NAD F . -9.95 -24.74 14.66
C2A NAD F . -10.25 -25.48 13.57
N3A NAD F . -11.21 -25.05 12.74
C4A NAD F . -11.86 -23.86 13.00
O3 NAD F . -16.40 -19.55 6.70
PN NAD F . -15.45 -19.38 5.39
O1N NAD F . -15.99 -18.16 4.69
O2N NAD F . -15.33 -20.63 4.55
O5D NAD F . -14.03 -19.05 6.12
C5D NAD F . -12.78 -19.52 5.61
C4D NAD F . -11.75 -18.38 5.81
O4D NAD F . -12.14 -17.28 4.95
C3D NAD F . -11.75 -17.82 7.22
O3D NAD F . -10.38 -17.63 7.65
C2D NAD F . -12.48 -16.49 7.07
O2D NAD F . -12.00 -15.55 8.05
C1D NAD F . -12.04 -16.07 5.69
N1N NAD F . -12.80 -15.09 4.92
C2N NAD F . -14.12 -15.26 4.67
C3N NAD F . -14.82 -14.32 3.91
C7N NAD F . -16.27 -14.48 3.59
O7N NAD F . -16.81 -13.58 2.93
N7N NAD F . -16.92 -15.60 3.95
C4N NAD F . -14.10 -13.23 3.38
C5N NAD F . -12.72 -13.09 3.62
C6N NAD F . -12.09 -14.05 4.40
PA NAD G . 12.66 -5.83 -24.03
O1A NAD G . 13.30 -4.48 -24.37
O2A NAD G . 13.42 -7.09 -24.38
O5B NAD G . 11.20 -5.96 -24.66
C5B NAD G . 10.38 -4.82 -24.84
C4B NAD G . 9.81 -4.81 -26.26
O4B NAD G . 9.00 -3.60 -26.33
C3B NAD G . 10.91 -4.70 -27.30
O3B NAD G . 10.73 -5.72 -28.29
C2B NAD G . 10.73 -3.30 -27.85
O2B NAD G . 11.11 -3.20 -29.23
C1B NAD G . 9.25 -2.99 -27.60
N9A NAD G . 8.98 -1.53 -27.61
C8A NAD G . 9.66 -0.56 -26.93
N7A NAD G . 9.10 0.63 -27.26
C5A NAD G . 8.11 0.39 -28.14
C6A NAD G . 7.23 1.21 -28.87
N6A NAD G . 7.19 2.58 -28.73
N1A NAD G . 6.34 0.62 -29.68
C2A NAD G . 6.25 -0.71 -29.86
N3A NAD G . 7.13 -1.52 -29.25
C4A NAD G . 8.04 -0.98 -28.37
O3 NAD G . 12.41 -5.88 -22.43
PN NAD G . 11.32 -6.79 -21.62
O1N NAD G . 11.98 -7.17 -20.32
O2N NAD G . 10.70 -7.89 -22.44
O5D NAD G . 10.20 -5.63 -21.41
C5D NAD G . 8.81 -5.96 -21.37
C4D NAD G . 8.05 -5.12 -20.34
O4D NAD G . 8.49 -5.50 -19.03
C3D NAD G . 8.35 -3.64 -20.46
O3D NAD G . 7.12 -2.93 -20.29
C2D NAD G . 9.31 -3.35 -19.32
O2D NAD G . 9.30 -1.99 -18.89
C1D NAD G . 8.81 -4.32 -18.26
N1N NAD G . 9.69 -4.78 -17.16
C2N NAD G . 10.87 -5.37 -17.42
C3N NAD G . 11.64 -5.87 -16.37
C7N NAD G . 12.97 -6.54 -16.60
O7N NAD G . 13.59 -6.86 -15.59
N7N NAD G . 13.39 -6.85 -17.87
C4N NAD G . 11.17 -5.77 -15.05
C5N NAD G . 9.91 -5.17 -14.80
C6N NAD G . 9.18 -4.69 -15.89
PA NAD H . 11.31 1.17 25.45
O1A NAD H . 11.41 -0.28 25.81
O2A NAD H . 12.36 2.10 25.98
O5B NAD H . 9.93 1.77 25.90
C5B NAD H . 8.78 0.94 25.94
C4B NAD H . 8.14 1.26 27.28
O4B NAD H . 6.93 0.54 27.36
C3B NAD H . 9.03 0.80 28.44
O3B NAD H . 9.10 1.82 29.43
C2B NAD H . 8.25 -0.37 29.00
O2B NAD H . 8.46 -0.60 30.42
C1B NAD H . 6.80 -0.04 28.65
N9A NAD H . 5.98 -1.28 28.60
C8A NAD H . 6.30 -2.43 27.96
N7A NAD H . 5.30 -3.32 28.18
C5A NAD H . 4.38 -2.74 28.97
C6A NAD H . 3.15 -3.18 29.54
N6A NAD H . 2.65 -4.43 29.37
N1A NAD H . 2.46 -2.31 30.30
C2A NAD H . 2.89 -1.05 30.51
N3A NAD H . 4.05 -0.61 30.01
C4A NAD H . 4.81 -1.44 29.22
O3 NAD H . 11.27 1.21 23.84
PN NAD H . 10.70 2.37 22.90
O1N NAD H . 11.50 2.42 21.64
O2N NAD H . 10.55 3.67 23.69
O5D NAD H . 9.26 1.74 22.55
C5D NAD H . 8.09 2.58 22.42
C4D NAD H . 7.19 2.08 21.29
O4D NAD H . 7.83 2.26 20.01
C3D NAD H . 6.91 0.57 21.40
O3D NAD H . 5.51 0.37 21.11
C2D NAD H . 7.80 -0.04 20.36
O2D NAD H . 7.34 -1.30 19.89
C1D NAD H . 7.78 1.02 19.26
N1N NAD H . 8.88 1.08 18.30
C2N NAD H . 10.18 1.21 18.66
C3N NAD H . 11.19 1.34 17.71
C7N NAD H . 12.65 1.51 18.05
O7N NAD H . 13.47 1.52 17.12
N7N NAD H . 13.02 1.71 19.31
C4N NAD H . 10.84 1.38 16.35
C5N NAD H . 9.49 1.26 16.01
C6N NAD H . 8.51 1.14 17.00
#